data_8G96
#
_entry.id   8G96
#
_cell.length_a   63.975
_cell.length_b   92.785
_cell.length_c   152.644
_cell.angle_alpha   90.000
_cell.angle_beta   90.000
_cell.angle_gamma   90.000
#
_symmetry.space_group_name_H-M   'P 21 21 21'
#
loop_
_entity.id
_entity.type
_entity.pdbx_description
1 polymer 'Dimodular nonribosomal peptide synthase'
2 non-polymer L-ornithine
3 non-polymer GLYCEROL
4 water water
#
_entity_poly.entity_id   1
_entity_poly.type   'polypeptide(L)'
_entity_poly.pdbx_seq_one_letter_code
;GHMNQFVTNTKNVIRGKYHPEFLQNEVLADIFAHTAQTLPDKTALIEADKTLSYGELYQQALIMAQHLALKGVKPGHIVG
LWLPRGIELLKAQLAICLSGAAWLPFDMDTPADRIAVCLEDAEAVGMITTDEWYEHLAEVPQTKWTNTELQKPLSESVSL
AKTTPDQPAYIIYTSGSTGKPKGIVITQKNICHFLRSENSILGIQEQDKVYQGFSVAFDMSFEEIWLSYLVGATLWIAPK
SLVSDPERLCQTLKQEQITVLHAVPTLLALFPEDVPNLRIINLGGEMCPDSLVDRWALPHHQMFNTYGPTETTVSASLEL
LERGKPVTIGKPLPNYGMLVINSERELLEQGETGELCIFGPSVAQGYLGRPDLTADKFIENPWAMSVEEELLYRTGDLAK
IDEFGQVHCLGRAD
;
_entity_poly.pdbx_strand_id   A,B
#
# COMPACT_ATOMS: atom_id res chain seq x y z
N THR A 8 1.38 -26.11 10.62
CA THR A 8 2.63 -25.52 10.17
C THR A 8 2.90 -25.87 8.69
N ASN A 9 4.19 -25.99 8.34
CA ASN A 9 4.61 -26.52 7.04
C ASN A 9 4.53 -25.60 5.85
N THR A 10 5.67 -25.04 5.43
CA THR A 10 5.73 -24.34 4.16
C THR A 10 6.13 -25.33 3.07
N LYS A 11 7.20 -25.03 2.33
CA LYS A 11 7.75 -25.92 1.31
C LYS A 11 6.82 -26.22 0.13
N ASN A 12 5.53 -26.46 0.37
CA ASN A 12 4.62 -26.75 -0.74
C ASN A 12 3.62 -25.63 -1.01
N VAL A 13 3.80 -24.46 -0.38
CA VAL A 13 3.06 -23.24 -0.73
C VAL A 13 4.09 -22.12 -0.79
N ILE A 14 4.17 -21.44 -1.94
CA ILE A 14 5.24 -20.49 -2.21
C ILE A 14 4.59 -19.12 -2.29
N ARG A 15 5.04 -18.20 -1.46
CA ARG A 15 4.46 -16.87 -1.39
C ARG A 15 5.49 -15.82 -1.81
N GLY A 16 4.99 -14.79 -2.49
CA GLY A 16 5.80 -13.62 -2.70
C GLY A 16 6.02 -12.87 -1.40
N LYS A 17 6.87 -11.85 -1.47
CA LYS A 17 7.11 -11.02 -0.30
C LYS A 17 5.78 -10.50 0.25
N TYR A 18 5.77 -10.24 1.55
CA TYR A 18 4.59 -9.73 2.24
C TYR A 18 4.63 -8.21 2.18
N HIS A 19 3.64 -7.62 1.50
CA HIS A 19 3.57 -6.16 1.33
C HIS A 19 2.12 -5.72 1.35
N PRO A 20 1.50 -5.70 2.54
CA PRO A 20 0.09 -5.29 2.61
C PRO A 20 -0.13 -3.84 2.19
N GLU A 21 0.90 -2.99 2.27
CA GLU A 21 0.76 -1.62 1.81
C GLU A 21 0.59 -1.49 0.30
N PHE A 22 0.75 -2.57 -0.47
CA PHE A 22 0.41 -2.51 -1.89
C PHE A 22 -1.08 -2.64 -2.14
N LEU A 23 -1.87 -3.00 -1.12
CA LEU A 23 -3.32 -3.03 -1.22
C LEU A 23 -3.84 -1.73 -0.65
N GLN A 24 -4.18 -0.80 -1.53
CA GLN A 24 -4.75 0.48 -1.12
C GLN A 24 -6.19 0.57 -1.59
N ASN A 25 -6.90 1.56 -1.04
CA ASN A 25 -8.32 1.75 -1.36
C ASN A 25 -8.41 2.68 -2.57
N GLU A 26 -7.99 2.14 -3.72
CA GLU A 26 -7.72 2.96 -4.89
C GLU A 26 -8.32 2.33 -6.13
N VAL A 27 -8.46 3.15 -7.16
CA VAL A 27 -8.88 2.76 -8.50
C VAL A 27 -7.86 3.34 -9.47
N LEU A 28 -7.84 2.78 -10.70
CA LEU A 28 -6.86 3.21 -11.69
C LEU A 28 -6.88 4.72 -11.87
N ALA A 29 -8.07 5.31 -11.94
CA ALA A 29 -8.17 6.75 -12.11
C ALA A 29 -7.41 7.48 -11.00
N ASP A 30 -7.47 6.96 -9.76
CA ASP A 30 -6.72 7.57 -8.68
C ASP A 30 -5.23 7.60 -9.00
N ILE A 31 -4.68 6.47 -9.46
CA ILE A 31 -3.25 6.43 -9.73
C ILE A 31 -2.87 7.46 -10.80
N PHE A 32 -3.67 7.53 -11.86
CA PHE A 32 -3.30 8.49 -12.90
C PHE A 32 -3.48 9.93 -12.42
N ALA A 33 -4.62 10.22 -11.79
CA ALA A 33 -4.88 11.59 -11.33
C ALA A 33 -3.77 12.05 -10.41
N HIS A 34 -3.31 11.18 -9.51
CA HIS A 34 -2.20 11.56 -8.64
C HIS A 34 -0.98 11.93 -9.47
N THR A 35 -0.64 11.09 -10.46
CA THR A 35 0.56 11.41 -11.24
C THR A 35 0.39 12.72 -12.00
N ALA A 36 -0.79 12.95 -12.57
CA ALA A 36 -1.00 14.16 -13.36
C ALA A 36 -0.94 15.39 -12.48
N GLN A 37 -1.48 15.30 -11.26
CA GLN A 37 -1.50 16.44 -10.37
C GLN A 37 -0.12 16.76 -9.81
N THR A 38 0.72 15.75 -9.58
CA THR A 38 2.04 16.04 -9.02
C THR A 38 3.12 16.30 -10.08
N LEU A 39 2.89 15.94 -11.33
CA LEU A 39 3.88 16.16 -12.40
C LEU A 39 3.22 16.72 -13.66
N PRO A 40 2.46 17.81 -13.55
CA PRO A 40 1.64 18.25 -14.69
C PRO A 40 2.43 18.59 -15.95
N ASP A 41 3.60 19.23 -15.81
CA ASP A 41 4.34 19.69 -16.98
C ASP A 41 5.31 18.64 -17.50
N LYS A 42 5.36 17.47 -16.87
CA LYS A 42 6.20 16.37 -17.33
C LYS A 42 5.58 15.69 -18.53
N THR A 43 6.41 15.35 -19.51
CA THR A 43 5.95 14.70 -20.73
C THR A 43 5.54 13.26 -20.42
N ALA A 44 4.28 12.93 -20.70
CA ALA A 44 3.75 11.58 -20.58
C ALA A 44 3.92 10.78 -21.87
N LEU A 45 3.52 11.36 -23.01
CA LEU A 45 3.48 10.64 -24.28
C LEU A 45 4.22 11.41 -25.35
N ILE A 46 5.00 10.68 -26.15
CA ILE A 46 5.64 11.22 -27.35
C ILE A 46 5.40 10.27 -28.50
N GLU A 47 4.85 10.78 -29.60
CA GLU A 47 4.55 10.01 -30.80
C GLU A 47 5.23 10.69 -31.98
N ALA A 48 6.29 10.07 -32.49
CA ALA A 48 7.17 10.73 -33.45
C ALA A 48 7.57 12.11 -32.93
N ASP A 49 6.94 13.15 -33.46
CA ASP A 49 7.29 14.52 -33.12
C ASP A 49 6.39 15.14 -32.07
N LYS A 50 5.22 14.56 -31.82
CA LYS A 50 4.26 15.15 -30.90
C LYS A 50 4.58 14.77 -29.47
N THR A 51 4.51 15.74 -28.57
CA THR A 51 4.66 15.51 -27.15
C THR A 51 3.39 15.94 -26.42
N LEU A 52 2.99 15.16 -25.43
CA LEU A 52 1.86 15.50 -24.57
C LEU A 52 2.31 15.36 -23.13
N SER A 53 2.00 16.36 -22.32
CA SER A 53 2.34 16.33 -20.90
C SER A 53 1.24 15.63 -20.11
N TYR A 54 1.60 15.20 -18.90
CA TYR A 54 0.61 14.57 -18.03
C TYR A 54 -0.55 15.53 -17.74
N GLY A 55 -0.26 16.81 -17.51
CA GLY A 55 -1.34 17.75 -17.25
C GLY A 55 -2.30 17.88 -18.42
N GLU A 56 -1.75 18.14 -19.62
CA GLU A 56 -2.61 18.26 -20.78
C GLU A 56 -3.31 16.95 -21.10
N LEU A 57 -2.57 15.84 -21.00
CA LEU A 57 -3.20 14.53 -21.17
C LEU A 57 -4.38 14.35 -20.23
N TYR A 58 -4.22 14.74 -18.98
CA TYR A 58 -5.29 14.58 -18.00
C TYR A 58 -6.49 15.44 -18.37
N GLN A 59 -6.23 16.71 -18.73
CA GLN A 59 -7.34 17.59 -19.11
C GLN A 59 -8.11 17.07 -20.33
N GLN A 60 -7.39 16.66 -21.37
CA GLN A 60 -8.07 16.18 -22.58
C GLN A 60 -8.84 14.90 -22.29
N ALA A 61 -8.22 13.95 -21.58
CA ALA A 61 -8.93 12.74 -21.21
C ALA A 61 -10.15 13.04 -20.36
N LEU A 62 -10.06 14.08 -19.52
CA LEU A 62 -11.21 14.46 -18.69
C LEU A 62 -12.35 15.00 -19.53
N ILE A 63 -12.05 15.85 -20.52
CA ILE A 63 -13.08 16.30 -21.44
C ILE A 63 -13.76 15.09 -22.08
N MET A 64 -12.95 14.14 -22.56
CA MET A 64 -13.53 12.94 -23.19
C MET A 64 -14.39 12.15 -22.22
N ALA A 65 -13.94 12.01 -20.98
CA ALA A 65 -14.72 11.27 -19.98
C ALA A 65 -16.05 11.96 -19.70
N GLN A 66 -16.03 13.29 -19.64
CA GLN A 66 -17.26 14.03 -19.40
C GLN A 66 -18.24 13.83 -20.56
N HIS A 67 -17.73 13.83 -21.79
CA HIS A 67 -18.59 13.51 -22.93
C HIS A 67 -19.15 12.10 -22.82
N LEU A 68 -18.32 11.14 -22.41
CA LEU A 68 -18.82 9.78 -22.21
C LEU A 68 -19.94 9.75 -21.17
N ALA A 69 -19.77 10.50 -20.09
CA ALA A 69 -20.81 10.55 -19.05
C ALA A 69 -22.09 11.15 -19.61
N LEU A 70 -21.99 12.26 -20.35
CA LEU A 70 -23.16 12.82 -21.01
C LEU A 70 -23.88 11.75 -21.82
N LYS A 71 -23.13 10.89 -22.49
CA LYS A 71 -23.74 9.86 -23.32
C LYS A 71 -24.15 8.62 -22.55
N GLY A 72 -24.03 8.64 -21.21
CA GLY A 72 -24.65 7.64 -20.37
C GLY A 72 -23.76 6.58 -19.77
N VAL A 73 -22.45 6.64 -19.99
CA VAL A 73 -21.55 5.63 -19.43
C VAL A 73 -21.24 5.97 -17.98
N LYS A 74 -21.30 4.95 -17.11
CA LYS A 74 -21.14 5.07 -15.68
C LYS A 74 -20.16 4.01 -15.19
N PRO A 75 -19.64 4.16 -13.98
CA PRO A 75 -18.84 3.08 -13.39
C PRO A 75 -19.57 1.75 -13.49
N GLY A 76 -18.84 0.70 -13.88
CA GLY A 76 -19.39 -0.60 -14.12
C GLY A 76 -19.60 -0.92 -15.58
N HIS A 77 -19.89 0.09 -16.39
CA HIS A 77 -20.08 -0.12 -17.81
C HIS A 77 -18.77 -0.51 -18.49
N ILE A 78 -18.91 -1.16 -19.64
CA ILE A 78 -17.79 -1.62 -20.46
C ILE A 78 -17.86 -0.88 -21.80
N VAL A 79 -16.72 -0.29 -22.20
CA VAL A 79 -16.63 0.48 -23.42
C VAL A 79 -15.52 -0.10 -24.28
N GLY A 80 -15.80 -0.38 -25.54
CA GLY A 80 -14.78 -0.92 -26.42
C GLY A 80 -13.81 0.14 -26.88
N LEU A 81 -12.61 -0.29 -27.26
CA LEU A 81 -11.55 0.63 -27.64
C LEU A 81 -10.86 0.10 -28.89
N TRP A 82 -10.90 0.87 -30.00
CA TRP A 82 -10.29 0.39 -31.25
C TRP A 82 -9.75 1.60 -32.00
N LEU A 83 -8.46 1.86 -31.86
CA LEU A 83 -7.80 2.98 -32.53
C LEU A 83 -6.39 2.56 -32.92
N PRO A 84 -5.80 3.25 -33.89
CA PRO A 84 -4.42 2.95 -34.26
C PRO A 84 -3.48 3.23 -33.11
N ARG A 85 -2.37 2.49 -33.08
CA ARG A 85 -1.28 2.82 -32.17
C ARG A 85 -1.02 4.32 -32.24
N GLY A 86 -0.78 4.93 -31.09
CA GLY A 86 -0.47 6.33 -31.07
C GLY A 86 -1.08 7.02 -29.87
N ILE A 87 -0.98 8.36 -29.88
CA ILE A 87 -1.40 9.16 -28.74
C ILE A 87 -2.91 9.09 -28.53
N GLU A 88 -3.69 9.17 -29.61
CA GLU A 88 -5.14 9.17 -29.45
C GLU A 88 -5.63 7.87 -28.83
N LEU A 89 -4.99 6.74 -29.15
CA LEU A 89 -5.37 5.46 -28.54
C LEU A 89 -5.23 5.50 -27.03
N LEU A 90 -4.05 5.91 -26.54
CA LEU A 90 -3.85 5.98 -25.10
C LEU A 90 -4.77 7.01 -24.47
N LYS A 91 -5.01 8.12 -25.15
CA LYS A 91 -5.91 9.13 -24.61
C LYS A 91 -7.32 8.57 -24.46
N ALA A 92 -7.78 7.76 -25.42
CA ALA A 92 -9.12 7.20 -25.33
C ALA A 92 -9.21 6.14 -24.25
N GLN A 93 -8.18 5.30 -24.14
CA GLN A 93 -8.09 4.39 -23.01
C GLN A 93 -8.29 5.15 -21.70
N LEU A 94 -7.47 6.19 -21.50
CA LEU A 94 -7.54 6.96 -20.27
C LEU A 94 -8.91 7.62 -20.12
N ALA A 95 -9.51 8.04 -21.23
CA ALA A 95 -10.83 8.65 -21.16
C ALA A 95 -11.85 7.68 -20.59
N ILE A 96 -11.88 6.46 -21.12
CA ILE A 96 -12.79 5.46 -20.57
C ILE A 96 -12.51 5.28 -19.09
N CYS A 97 -11.23 5.19 -18.72
CA CYS A 97 -10.89 4.95 -17.33
C CYS A 97 -11.40 6.07 -16.42
N LEU A 98 -11.16 7.33 -16.82
CA LEU A 98 -11.53 8.46 -15.97
C LEU A 98 -13.04 8.57 -15.79
N SER A 99 -13.81 8.01 -16.71
CA SER A 99 -15.26 8.02 -16.58
C SER A 99 -15.75 6.98 -15.59
N GLY A 100 -14.85 6.16 -15.05
CA GLY A 100 -15.23 5.08 -14.16
C GLY A 100 -15.65 3.79 -14.83
N ALA A 101 -15.67 3.73 -16.16
CA ALA A 101 -16.01 2.50 -16.84
C ALA A 101 -14.76 1.65 -17.00
N ALA A 102 -14.92 0.47 -17.58
CA ALA A 102 -13.80 -0.40 -17.92
C ALA A 102 -13.74 -0.53 -19.43
N TRP A 103 -12.53 -0.62 -19.97
CA TRP A 103 -12.40 -0.68 -21.42
C TRP A 103 -12.12 -2.11 -21.88
N LEU A 104 -12.66 -2.42 -23.05
CA LEU A 104 -12.46 -3.69 -23.74
C LEU A 104 -11.53 -3.41 -24.93
N PRO A 105 -10.24 -3.70 -24.82
CA PRO A 105 -9.29 -3.31 -25.86
C PRO A 105 -9.29 -4.24 -27.07
N PHE A 106 -9.18 -3.63 -28.24
CA PHE A 106 -9.14 -4.34 -29.53
C PHE A 106 -7.84 -4.02 -30.25
N ASP A 107 -7.14 -5.06 -30.68
CA ASP A 107 -5.92 -4.92 -31.48
C ASP A 107 -6.20 -4.25 -32.82
N MET A 108 -5.18 -3.60 -33.37
CA MET A 108 -5.33 -2.92 -34.67
C MET A 108 -5.97 -3.85 -35.70
N ASP A 109 -5.64 -5.14 -35.65
CA ASP A 109 -6.01 -6.10 -36.68
C ASP A 109 -7.21 -6.95 -36.29
N THR A 110 -8.03 -6.50 -35.37
CA THR A 110 -9.20 -7.28 -34.99
C THR A 110 -10.28 -7.15 -36.06
N PRO A 111 -10.77 -8.24 -36.63
CA PRO A 111 -11.83 -8.11 -37.64
C PRO A 111 -13.13 -7.62 -37.02
N ALA A 112 -13.85 -6.79 -37.78
CA ALA A 112 -15.08 -6.17 -37.30
C ALA A 112 -16.08 -7.17 -36.72
N ASP A 113 -16.15 -8.38 -37.28
CA ASP A 113 -17.13 -9.33 -36.74
C ASP A 113 -16.70 -9.84 -35.37
N ARG A 114 -15.39 -9.99 -35.15
CA ARG A 114 -14.92 -10.32 -33.82
C ARG A 114 -15.25 -9.20 -32.83
N ILE A 115 -15.10 -7.95 -33.26
CA ILE A 115 -15.46 -6.80 -32.44
C ILE A 115 -16.93 -6.88 -32.04
N ALA A 116 -17.80 -7.11 -33.02
CA ALA A 116 -19.23 -7.24 -32.72
C ALA A 116 -19.49 -8.36 -31.72
N VAL A 117 -18.87 -9.53 -31.94
CA VAL A 117 -19.10 -10.66 -31.06
C VAL A 117 -18.67 -10.32 -29.63
N CYS A 118 -17.53 -9.67 -29.47
CA CYS A 118 -17.02 -9.40 -28.13
C CYS A 118 -17.83 -8.31 -27.43
N LEU A 119 -18.21 -7.25 -28.16
CA LEU A 119 -19.06 -6.24 -27.54
C LEU A 119 -20.39 -6.83 -27.10
N GLU A 120 -20.95 -7.73 -27.92
CA GLU A 120 -22.19 -8.39 -27.53
C GLU A 120 -21.99 -9.22 -26.27
N ASP A 121 -20.95 -10.07 -26.25
CA ASP A 121 -20.70 -10.91 -25.09
C ASP A 121 -20.51 -10.09 -23.83
N ALA A 122 -19.74 -9.00 -23.92
CA ALA A 122 -19.50 -8.16 -22.76
C ALA A 122 -20.68 -7.27 -22.39
N GLU A 123 -21.72 -7.23 -23.22
CA GLU A 123 -22.85 -6.32 -22.99
C GLU A 123 -22.33 -4.88 -22.85
N ALA A 124 -21.42 -4.52 -23.73
CA ALA A 124 -20.81 -3.18 -23.69
C ALA A 124 -21.84 -2.12 -24.05
N VAL A 125 -21.62 -0.90 -23.53
CA VAL A 125 -22.47 0.23 -23.85
C VAL A 125 -22.04 0.97 -25.10
N GLY A 126 -20.92 0.57 -25.70
CA GLY A 126 -20.40 1.26 -26.87
C GLY A 126 -18.90 1.07 -26.97
N MET A 127 -18.29 1.88 -27.84
CA MET A 127 -16.87 1.79 -28.12
C MET A 127 -16.42 3.09 -28.73
N ILE A 128 -15.11 3.35 -28.62
CA ILE A 128 -14.48 4.52 -29.19
C ILE A 128 -13.59 4.06 -30.33
N THR A 129 -13.64 4.81 -31.43
CA THR A 129 -12.81 4.56 -32.60
C THR A 129 -12.50 5.91 -33.24
N THR A 130 -11.78 5.88 -34.36
CA THR A 130 -11.47 7.11 -35.08
C THR A 130 -12.51 7.37 -36.16
N ASP A 131 -12.43 8.56 -36.75
CA ASP A 131 -13.30 8.86 -37.89
C ASP A 131 -13.06 7.89 -39.04
N GLU A 132 -11.80 7.69 -39.42
CA GLU A 132 -11.50 6.82 -40.54
C GLU A 132 -12.06 5.42 -40.32
N TRP A 133 -11.82 4.84 -39.14
CA TRP A 133 -12.19 3.47 -38.88
C TRP A 133 -13.69 3.27 -38.60
N TYR A 134 -14.43 4.34 -38.35
CA TYR A 134 -15.86 4.21 -38.08
C TYR A 134 -16.57 3.43 -39.20
N GLU A 135 -16.18 3.67 -40.45
CA GLU A 135 -16.83 3.01 -41.58
C GLU A 135 -16.66 1.50 -41.55
N HIS A 136 -15.47 1.01 -41.19
CA HIS A 136 -15.24 -0.43 -41.18
C HIS A 136 -16.16 -1.12 -40.18
N LEU A 137 -16.95 -0.37 -39.42
CA LEU A 137 -17.74 -0.88 -38.31
C LEU A 137 -19.24 -0.93 -38.63
N ALA A 138 -19.60 -1.00 -39.91
CA ALA A 138 -21.02 -1.06 -40.27
C ALA A 138 -21.71 -2.23 -39.57
N GLU A 139 -21.07 -3.41 -39.57
CA GLU A 139 -21.70 -4.59 -38.98
C GLU A 139 -21.92 -4.47 -37.47
N VAL A 140 -21.31 -3.50 -36.80
CA VAL A 140 -21.39 -3.46 -35.34
C VAL A 140 -22.68 -2.74 -34.92
N PRO A 141 -23.61 -3.44 -34.28
CA PRO A 141 -24.83 -2.77 -33.83
C PRO A 141 -24.56 -1.73 -32.76
N GLN A 142 -23.60 -1.97 -31.89
CA GLN A 142 -23.44 -1.15 -30.70
C GLN A 142 -23.09 0.29 -31.05
N THR A 143 -23.38 1.19 -30.11
CA THR A 143 -23.07 2.59 -30.29
C THR A 143 -21.58 2.80 -30.50
N LYS A 144 -21.22 3.56 -31.53
CA LYS A 144 -19.85 3.88 -31.83
C LYS A 144 -19.65 5.38 -31.66
N TRP A 145 -18.69 5.75 -30.83
CA TRP A 145 -18.31 7.14 -30.61
C TRP A 145 -16.92 7.35 -31.22
N THR A 146 -16.70 8.53 -31.80
CA THR A 146 -15.40 8.90 -32.30
C THR A 146 -14.67 9.74 -31.26
N ASN A 147 -13.35 9.56 -31.20
CA ASN A 147 -12.55 10.41 -30.33
C ASN A 147 -12.77 11.88 -30.65
N THR A 148 -12.76 12.21 -31.94
CA THR A 148 -12.98 13.58 -32.36
C THR A 148 -14.27 14.15 -31.78
N GLU A 149 -15.34 13.35 -31.81
CA GLU A 149 -16.62 13.78 -31.26
C GLU A 149 -16.53 13.97 -29.75
N LEU A 150 -15.78 13.11 -29.07
CA LEU A 150 -15.66 13.16 -27.62
C LEU A 150 -14.69 14.23 -27.14
N GLN A 151 -13.96 14.88 -28.05
CA GLN A 151 -13.07 15.97 -27.67
C GLN A 151 -13.62 17.34 -28.06
N LYS A 152 -14.92 17.45 -28.28
CA LYS A 152 -15.51 18.74 -28.58
C LYS A 152 -15.54 19.61 -27.31
N PRO A 153 -15.40 20.93 -27.47
CA PRO A 153 -15.53 21.81 -26.30
C PRO A 153 -16.86 21.62 -25.60
N LEU A 154 -16.84 21.69 -24.27
CA LEU A 154 -17.97 21.35 -23.44
C LEU A 154 -18.81 22.58 -23.10
N SER A 155 -20.11 22.37 -22.93
CA SER A 155 -21.02 23.43 -22.54
C SER A 155 -20.98 23.69 -21.03
N GLU A 156 -21.10 22.61 -20.23
CA GLU A 156 -21.11 22.70 -18.78
C GLU A 156 -20.29 21.56 -18.22
N SER A 157 -19.74 21.76 -17.02
CA SER A 157 -18.95 20.72 -16.39
C SER A 157 -19.82 19.52 -16.02
N VAL A 158 -19.39 18.34 -16.45
CA VAL A 158 -20.13 17.10 -16.28
C VAL A 158 -19.47 16.33 -15.14
N SER A 159 -20.10 16.31 -13.97
CA SER A 159 -19.45 15.73 -12.80
C SER A 159 -19.39 14.21 -12.91
N LEU A 160 -18.19 13.65 -12.82
CA LEU A 160 -17.98 12.23 -13.06
C LEU A 160 -18.11 11.47 -11.73
N ALA A 161 -18.93 10.43 -11.72
CA ALA A 161 -19.02 9.55 -10.56
C ALA A 161 -17.84 8.59 -10.54
N LYS A 162 -17.40 8.24 -9.34
CA LYS A 162 -16.22 7.42 -9.15
C LYS A 162 -16.59 5.95 -9.10
N THR A 163 -15.73 5.11 -9.67
CA THR A 163 -15.89 3.67 -9.57
C THR A 163 -15.22 3.19 -8.28
N THR A 164 -15.35 1.90 -8.01
CA THR A 164 -14.87 1.30 -6.78
C THR A 164 -13.97 0.12 -7.08
N PRO A 165 -13.15 -0.30 -6.12
CA PRO A 165 -12.19 -1.40 -6.38
C PRO A 165 -12.86 -2.67 -6.85
N ASP A 166 -14.10 -2.94 -6.43
CA ASP A 166 -14.75 -4.17 -6.86
C ASP A 166 -15.20 -4.13 -8.31
N GLN A 167 -15.17 -2.97 -8.95
CA GLN A 167 -15.65 -2.85 -10.31
C GLN A 167 -14.56 -3.27 -11.30
N PRO A 168 -14.96 -3.62 -12.53
CA PRO A 168 -13.97 -3.96 -13.55
C PRO A 168 -13.20 -2.74 -14.02
N ALA A 169 -11.91 -2.93 -14.24
CA ALA A 169 -11.04 -1.94 -14.88
C ALA A 169 -10.94 -2.19 -16.38
N TYR A 170 -10.88 -3.46 -16.79
CA TYR A 170 -10.81 -3.80 -18.20
C TYR A 170 -11.19 -5.27 -18.36
N ILE A 171 -11.66 -5.59 -19.57
CA ILE A 171 -12.04 -6.95 -19.94
C ILE A 171 -11.16 -7.37 -21.12
N ILE A 172 -10.48 -8.50 -21.00
CA ILE A 172 -9.59 -9.00 -22.04
C ILE A 172 -10.28 -10.15 -22.75
N TYR A 173 -10.56 -9.97 -24.03
CA TYR A 173 -10.88 -11.06 -24.92
C TYR A 173 -9.60 -11.40 -25.68
N THR A 174 -9.10 -12.63 -25.48
CA THR A 174 -7.82 -13.02 -26.05
C THR A 174 -7.73 -12.66 -27.52
N SER A 175 -6.75 -11.82 -27.86
CA SER A 175 -6.64 -11.30 -29.21
C SER A 175 -6.26 -12.41 -30.18
N GLY A 176 -7.03 -12.55 -31.26
CA GLY A 176 -6.85 -13.62 -32.22
C GLY A 176 -7.68 -14.86 -32.01
N SER A 177 -8.46 -14.94 -30.93
CA SER A 177 -9.33 -16.10 -30.74
C SER A 177 -10.42 -16.16 -31.81
N THR A 178 -10.66 -17.36 -32.33
CA THR A 178 -11.76 -17.62 -33.24
C THR A 178 -12.88 -18.42 -32.59
N GLY A 179 -12.67 -18.93 -31.37
CA GLY A 179 -13.66 -19.74 -30.70
C GLY A 179 -14.56 -18.89 -29.82
N LYS A 180 -15.45 -19.58 -29.10
CA LYS A 180 -16.38 -18.95 -28.17
C LYS A 180 -15.69 -17.82 -27.41
N PRO A 181 -16.23 -16.60 -27.48
CA PRO A 181 -15.59 -15.48 -26.78
C PRO A 181 -15.50 -15.74 -25.28
N LYS A 182 -14.30 -15.51 -24.74
CA LYS A 182 -14.02 -15.68 -23.32
C LYS A 182 -13.52 -14.34 -22.78
N GLY A 183 -14.40 -13.61 -22.10
CA GLY A 183 -14.01 -12.34 -21.52
C GLY A 183 -13.46 -12.49 -20.11
N ILE A 184 -12.22 -12.06 -19.91
CA ILE A 184 -11.55 -12.13 -18.61
C ILE A 184 -11.70 -10.78 -17.92
N VAL A 185 -12.37 -10.79 -16.77
CA VAL A 185 -12.72 -9.56 -16.05
C VAL A 185 -11.65 -9.27 -15.02
N ILE A 186 -10.89 -8.20 -15.23
CA ILE A 186 -9.89 -7.72 -14.29
C ILE A 186 -10.47 -6.55 -13.53
N THR A 187 -10.42 -6.60 -12.21
CA THR A 187 -10.99 -5.55 -11.38
C THR A 187 -9.97 -4.42 -11.14
N GLN A 188 -10.50 -3.27 -10.74
CA GLN A 188 -9.66 -2.15 -10.30
C GLN A 188 -8.68 -2.59 -9.23
N LYS A 189 -9.17 -3.32 -8.23
CA LYS A 189 -8.30 -3.84 -7.18
C LYS A 189 -7.18 -4.69 -7.76
N ASN A 190 -7.54 -5.64 -8.64
CA ASN A 190 -6.55 -6.51 -9.27
C ASN A 190 -5.40 -5.69 -9.86
N ILE A 191 -5.74 -4.68 -10.65
CA ILE A 191 -4.72 -4.04 -11.46
C ILE A 191 -3.92 -3.02 -10.64
N CYS A 192 -4.58 -2.29 -9.74
CA CYS A 192 -3.81 -1.41 -8.88
C CYS A 192 -2.82 -2.19 -8.03
N HIS A 193 -3.27 -3.32 -7.46
CA HIS A 193 -2.33 -4.16 -6.72
C HIS A 193 -1.18 -4.59 -7.61
N PHE A 194 -1.49 -5.15 -8.80
CA PHE A 194 -0.43 -5.62 -9.67
C PHE A 194 0.58 -4.52 -9.94
N LEU A 195 0.10 -3.35 -10.34
CA LEU A 195 1.01 -2.27 -10.67
C LEU A 195 2.00 -2.05 -9.53
N ARG A 196 1.49 -1.86 -8.31
CA ARG A 196 2.40 -1.62 -7.20
C ARG A 196 3.32 -2.82 -6.95
N SER A 197 2.75 -4.02 -7.01
CA SER A 197 3.49 -5.21 -6.62
C SER A 197 4.67 -5.46 -7.57
N GLU A 198 4.41 -5.42 -8.88
CA GLU A 198 5.49 -5.66 -9.82
C GLU A 198 6.49 -4.51 -9.85
N ASN A 199 6.02 -3.26 -9.73
CA ASN A 199 7.00 -2.19 -9.83
C ASN A 199 7.91 -2.13 -8.62
N SER A 200 7.47 -2.62 -7.46
CA SER A 200 8.38 -2.65 -6.32
C SER A 200 9.64 -3.45 -6.62
N ILE A 201 9.59 -4.36 -7.60
CA ILE A 201 10.76 -5.11 -8.04
C ILE A 201 11.36 -4.53 -9.31
N LEU A 202 10.53 -4.25 -10.32
CA LEU A 202 11.06 -3.69 -11.56
C LEU A 202 11.71 -2.34 -11.29
N GLY A 203 11.03 -1.48 -10.54
CA GLY A 203 11.58 -0.18 -10.22
C GLY A 203 11.58 0.81 -11.36
N ILE A 204 10.51 0.86 -12.16
CA ILE A 204 10.38 1.96 -13.11
C ILE A 204 10.28 3.25 -12.31
N GLN A 205 11.04 4.26 -12.73
CA GLN A 205 11.01 5.55 -12.03
C GLN A 205 10.63 6.66 -13.00
N GLU A 206 10.33 7.83 -12.41
CA GLU A 206 9.80 8.95 -13.18
C GLU A 206 10.73 9.39 -14.30
N GLN A 207 12.04 9.26 -14.12
CA GLN A 207 12.99 9.76 -15.09
C GLN A 207 13.24 8.81 -16.24
N ASP A 208 12.70 7.59 -16.17
CA ASP A 208 12.86 6.62 -17.24
C ASP A 208 12.07 7.05 -18.48
N LYS A 209 12.58 6.67 -19.64
CA LYS A 209 11.85 6.79 -20.90
C LYS A 209 11.64 5.38 -21.45
N VAL A 210 10.38 4.97 -21.55
CA VAL A 210 10.02 3.58 -21.77
C VAL A 210 9.40 3.42 -23.15
N TYR A 211 9.88 2.41 -23.89
CA TYR A 211 9.32 2.07 -25.19
C TYR A 211 7.90 1.53 -25.02
N GLN A 212 6.98 2.01 -25.86
CA GLN A 212 5.59 1.54 -25.87
C GLN A 212 5.30 0.89 -27.21
N GLY A 213 5.61 -0.40 -27.34
CA GLY A 213 5.47 -1.11 -28.60
C GLY A 213 4.40 -2.18 -28.68
N PHE A 214 3.64 -2.36 -27.62
CA PHE A 214 2.64 -3.41 -27.55
C PHE A 214 1.25 -2.91 -27.90
N SER A 215 0.47 -3.77 -28.54
CA SER A 215 -0.94 -3.49 -28.76
C SER A 215 -1.68 -3.49 -27.43
N VAL A 216 -2.62 -2.55 -27.27
CA VAL A 216 -3.40 -2.50 -26.03
C VAL A 216 -4.14 -3.81 -25.76
N ALA A 217 -4.25 -4.68 -26.76
CA ALA A 217 -4.92 -5.97 -26.54
C ALA A 217 -4.08 -6.97 -25.75
N PHE A 218 -2.84 -6.65 -25.39
CA PHE A 218 -1.94 -7.58 -24.73
C PHE A 218 -1.61 -7.12 -23.31
N ASP A 219 -1.47 -8.09 -22.40
CA ASP A 219 -1.10 -7.80 -21.03
C ASP A 219 0.11 -6.88 -20.92
N MET A 220 1.15 -7.13 -21.73
CA MET A 220 2.40 -6.41 -21.53
C MET A 220 2.26 -4.92 -21.83
N SER A 221 1.26 -4.52 -22.61
CA SER A 221 1.02 -3.09 -22.78
C SER A 221 0.85 -2.41 -21.43
N PHE A 222 0.19 -3.07 -20.48
CA PHE A 222 0.02 -2.50 -19.16
C PHE A 222 1.37 -2.23 -18.51
N GLU A 223 2.28 -3.20 -18.53
CA GLU A 223 3.60 -2.95 -17.98
C GLU A 223 4.28 -1.80 -18.71
N GLU A 224 4.03 -1.65 -20.01
CA GLU A 224 4.57 -0.49 -20.70
C GLU A 224 3.89 0.79 -20.23
N ILE A 225 2.56 0.76 -20.13
CA ILE A 225 1.81 2.00 -20.02
C ILE A 225 1.58 2.33 -18.56
N TRP A 226 0.88 1.45 -17.85
CA TRP A 226 0.40 1.85 -16.53
C TRP A 226 1.52 1.87 -15.50
N LEU A 227 2.47 0.94 -15.56
CA LEU A 227 3.65 1.10 -14.71
C LEU A 227 4.24 2.49 -14.92
N SER A 228 4.30 2.95 -16.16
CA SER A 228 4.83 4.28 -16.40
C SER A 228 3.94 5.33 -15.75
N TYR A 229 2.64 5.24 -16.00
CA TYR A 229 1.72 6.18 -15.36
C TYR A 229 1.92 6.20 -13.85
N LEU A 230 2.31 5.04 -13.28
CA LEU A 230 2.41 4.95 -11.83
C LEU A 230 3.44 5.93 -11.28
N VAL A 231 4.57 6.10 -11.97
CA VAL A 231 5.66 6.92 -11.44
C VAL A 231 5.90 8.17 -12.25
N GLY A 232 5.19 8.37 -13.36
CA GLY A 232 5.42 9.54 -14.18
C GLY A 232 6.52 9.41 -15.21
N ALA A 233 6.79 8.21 -15.71
CA ALA A 233 7.77 8.03 -16.77
C ALA A 233 7.21 8.53 -18.10
N THR A 234 8.10 8.65 -19.09
CA THR A 234 7.74 9.12 -20.41
C THR A 234 7.59 7.92 -21.35
N LEU A 235 6.52 7.93 -22.15
CA LEU A 235 6.24 6.86 -23.10
C LEU A 235 6.63 7.29 -24.51
N TRP A 236 7.41 6.44 -25.19
CA TRP A 236 7.68 6.61 -26.61
C TRP A 236 6.81 5.59 -27.36
N ILE A 237 5.80 6.09 -28.06
CA ILE A 237 4.80 5.24 -28.70
C ILE A 237 5.29 4.85 -30.08
N ALA A 238 5.39 3.56 -30.34
CA ALA A 238 5.93 3.06 -31.59
C ALA A 238 4.87 3.12 -32.70
N PRO A 239 5.25 3.57 -33.89
CA PRO A 239 4.33 3.49 -35.03
C PRO A 239 4.23 2.05 -35.51
N LYS A 240 3.15 1.74 -36.23
CA LYS A 240 2.94 0.37 -36.67
C LYS A 240 4.08 -0.10 -37.57
N SER A 241 4.69 0.82 -38.34
CA SER A 241 5.73 0.42 -39.27
C SER A 241 6.96 -0.12 -38.55
N LEU A 242 7.29 0.46 -37.39
CA LEU A 242 8.53 0.10 -36.69
C LEU A 242 8.40 -1.23 -35.98
N VAL A 243 7.18 -1.59 -35.57
CA VAL A 243 6.94 -2.78 -34.77
C VAL A 243 7.47 -4.06 -35.42
N SER A 244 7.62 -4.06 -36.75
CA SER A 244 8.02 -5.27 -37.46
C SER A 244 9.45 -5.23 -38.01
N ASP A 245 10.27 -4.27 -37.58
CA ASP A 245 11.63 -4.10 -38.10
C ASP A 245 12.62 -4.14 -36.95
N PRO A 246 13.05 -5.34 -36.54
CA PRO A 246 13.93 -5.42 -35.35
C PRO A 246 15.21 -4.62 -35.47
N GLU A 247 15.91 -4.67 -36.60
CA GLU A 247 17.15 -3.89 -36.71
C GLU A 247 16.86 -2.39 -36.59
N ARG A 248 15.80 -1.92 -37.23
CA ARG A 248 15.48 -0.50 -37.12
C ARG A 248 15.03 -0.16 -35.70
N LEU A 249 14.31 -1.06 -35.04
CA LEU A 249 13.95 -0.83 -33.65
C LEU A 249 15.22 -0.67 -32.81
N CYS A 250 16.07 -1.69 -32.80
CA CYS A 250 17.35 -1.64 -32.11
C CYS A 250 18.04 -0.29 -32.33
N GLN A 251 17.99 0.24 -33.55
CA GLN A 251 18.58 1.56 -33.77
C GLN A 251 17.77 2.67 -33.10
N THR A 252 16.44 2.60 -33.20
CA THR A 252 15.58 3.65 -32.66
C THR A 252 15.71 3.75 -31.15
N LEU A 253 15.75 2.61 -30.47
CA LEU A 253 15.91 2.59 -29.02
C LEU A 253 17.19 3.30 -28.60
N LYS A 254 18.28 3.08 -29.33
CA LYS A 254 19.50 3.83 -29.06
C LYS A 254 19.27 5.32 -29.24
N GLN A 255 18.86 5.71 -30.46
CA GLN A 255 18.77 7.13 -30.78
C GLN A 255 17.84 7.88 -29.84
N GLU A 256 16.81 7.21 -29.32
CA GLU A 256 15.82 7.85 -28.47
C GLU A 256 16.17 7.77 -26.99
N GLN A 257 17.27 7.13 -26.63
CA GLN A 257 17.70 7.07 -25.23
C GLN A 257 16.61 6.43 -24.38
N ILE A 258 16.10 5.30 -24.86
CA ILE A 258 15.09 4.55 -24.12
C ILE A 258 15.79 3.81 -23.00
N THR A 259 15.19 3.84 -21.81
CA THR A 259 15.78 3.19 -20.65
C THR A 259 15.03 1.95 -20.19
N VAL A 260 13.85 1.68 -20.76
CA VAL A 260 13.02 0.57 -20.31
C VAL A 260 12.41 -0.11 -21.52
N LEU A 261 12.68 -1.40 -21.69
CA LEU A 261 12.11 -2.20 -22.77
C LEU A 261 11.33 -3.36 -22.19
N HIS A 262 10.01 -3.37 -22.41
CA HIS A 262 9.19 -4.55 -22.22
C HIS A 262 9.04 -5.22 -23.59
N ALA A 263 9.32 -6.52 -23.64
CA ALA A 263 9.36 -7.21 -24.92
C ALA A 263 9.26 -8.71 -24.71
N VAL A 264 9.09 -9.43 -25.80
CA VAL A 264 9.17 -10.89 -25.81
C VAL A 264 10.57 -11.30 -26.26
N PRO A 265 11.06 -12.46 -25.86
CA PRO A 265 12.45 -12.83 -26.17
C PRO A 265 12.75 -12.96 -27.65
N THR A 266 11.81 -13.43 -28.48
CA THR A 266 12.14 -13.57 -29.89
C THR A 266 12.43 -12.23 -30.54
N LEU A 267 11.74 -11.17 -30.11
CA LEU A 267 12.08 -9.84 -30.62
C LEU A 267 13.48 -9.44 -30.18
N LEU A 268 13.83 -9.67 -28.91
CA LEU A 268 15.14 -9.23 -28.43
C LEU A 268 16.26 -9.97 -29.14
N ALA A 269 16.07 -11.26 -29.40
CA ALA A 269 17.10 -12.04 -30.07
C ALA A 269 17.43 -11.49 -31.45
N LEU A 270 16.50 -10.76 -32.07
CA LEU A 270 16.69 -10.24 -33.41
C LEU A 270 17.28 -8.83 -33.43
N PHE A 271 17.84 -8.37 -32.32
CA PHE A 271 18.54 -7.09 -32.30
C PHE A 271 19.97 -7.28 -32.78
N PRO A 272 20.42 -6.53 -33.79
CA PRO A 272 21.78 -6.75 -34.31
C PRO A 272 22.87 -6.49 -33.29
N GLU A 273 22.72 -5.46 -32.45
CA GLU A 273 23.78 -5.08 -31.53
C GLU A 273 23.20 -4.79 -30.16
N ASP A 274 24.10 -4.59 -29.20
CA ASP A 274 23.69 -4.22 -27.86
C ASP A 274 23.07 -2.83 -27.85
N VAL A 275 22.18 -2.60 -26.89
CA VAL A 275 21.66 -1.26 -26.66
C VAL A 275 22.08 -0.85 -25.26
N PRO A 276 23.24 -0.21 -25.09
CA PRO A 276 23.81 -0.04 -23.75
C PRO A 276 22.94 0.75 -22.79
N ASN A 277 22.30 1.81 -23.28
CA ASN A 277 21.51 2.72 -22.46
C ASN A 277 20.28 2.10 -21.83
N LEU A 278 20.02 0.81 -22.06
CA LEU A 278 18.81 0.17 -21.53
C LEU A 278 19.02 -0.16 -20.06
N ARG A 279 18.29 0.55 -19.20
CA ARG A 279 18.35 0.30 -17.76
C ARG A 279 17.62 -1.00 -17.40
N ILE A 280 16.37 -1.13 -17.84
CA ILE A 280 15.53 -2.28 -17.50
C ILE A 280 15.09 -2.96 -18.79
N ILE A 281 15.18 -4.29 -18.82
CA ILE A 281 14.63 -5.09 -19.91
C ILE A 281 13.72 -6.14 -19.30
N ASN A 282 12.45 -6.09 -19.65
CA ASN A 282 11.43 -6.97 -19.08
C ASN A 282 10.94 -7.88 -20.20
N LEU A 283 11.32 -9.16 -20.15
CA LEU A 283 10.93 -10.14 -21.13
C LEU A 283 9.78 -10.99 -20.60
N GLY A 284 8.65 -10.98 -21.31
CA GLY A 284 7.51 -11.80 -20.94
C GLY A 284 7.03 -12.60 -22.14
N GLY A 285 6.08 -13.50 -21.87
CA GLY A 285 5.42 -14.26 -22.91
C GLY A 285 6.02 -15.64 -23.15
N GLU A 286 7.35 -15.73 -23.20
CA GLU A 286 8.03 -17.01 -23.33
C GLU A 286 9.23 -17.02 -22.41
N MET A 287 9.57 -18.20 -21.89
CA MET A 287 10.76 -18.31 -21.07
C MET A 287 11.99 -17.99 -21.89
N CYS A 288 12.87 -17.18 -21.32
CA CYS A 288 14.04 -16.70 -22.05
C CYS A 288 14.99 -17.87 -22.33
N PRO A 289 15.45 -18.04 -23.57
CA PRO A 289 16.49 -19.03 -23.82
C PRO A 289 17.81 -18.61 -23.21
N ASP A 290 18.64 -19.61 -22.90
CA ASP A 290 19.91 -19.34 -22.23
C ASP A 290 20.87 -18.55 -23.13
N SER A 291 20.88 -18.82 -24.42
CA SER A 291 21.77 -18.06 -25.30
C SER A 291 21.44 -16.58 -25.25
N LEU A 292 20.15 -16.26 -25.16
CA LEU A 292 19.74 -14.86 -25.11
C LEU A 292 20.19 -14.22 -23.81
N VAL A 293 20.05 -14.94 -22.69
CA VAL A 293 20.54 -14.43 -21.41
C VAL A 293 22.04 -14.18 -21.48
N ASP A 294 22.79 -15.17 -22.00
CA ASP A 294 24.22 -15.01 -22.15
C ASP A 294 24.56 -13.76 -22.94
N ARG A 295 23.81 -13.48 -24.01
CA ARG A 295 24.14 -12.30 -24.80
C ARG A 295 23.74 -11.00 -24.11
N TRP A 296 22.64 -11.01 -23.33
CA TRP A 296 22.09 -9.75 -22.83
C TRP A 296 22.20 -9.55 -21.33
N ALA A 297 22.37 -10.62 -20.56
CA ALA A 297 22.49 -10.42 -19.12
C ALA A 297 23.82 -9.75 -18.82
N LEU A 298 24.00 -8.53 -19.32
CA LEU A 298 25.26 -7.83 -19.14
C LEU A 298 25.18 -6.96 -17.89
N PRO A 299 26.32 -6.49 -17.38
CA PRO A 299 26.29 -5.77 -16.09
C PRO A 299 25.45 -4.49 -16.12
N HIS A 300 25.46 -3.75 -17.23
CA HIS A 300 24.70 -2.50 -17.31
C HIS A 300 23.25 -2.73 -17.70
N HIS A 301 22.78 -3.99 -17.66
CA HIS A 301 21.40 -4.32 -17.96
C HIS A 301 20.79 -5.03 -16.76
N GLN A 302 19.64 -4.54 -16.31
CA GLN A 302 18.78 -5.31 -15.41
C GLN A 302 17.77 -6.05 -16.29
N MET A 303 17.93 -7.36 -16.38
CA MET A 303 17.18 -8.18 -17.32
C MET A 303 16.22 -9.07 -16.54
N PHE A 304 14.94 -8.98 -16.85
CA PHE A 304 13.91 -9.71 -16.13
C PHE A 304 13.11 -10.61 -17.08
N ASN A 305 12.53 -11.63 -16.48
CA ASN A 305 11.67 -12.59 -17.17
C ASN A 305 10.41 -12.74 -16.34
N THR A 306 9.29 -12.26 -16.86
CA THR A 306 8.03 -12.29 -16.15
C THR A 306 7.12 -13.38 -16.72
N TYR A 307 6.40 -14.05 -15.84
CA TYR A 307 5.48 -15.10 -16.23
C TYR A 307 4.16 -14.88 -15.52
N GLY A 308 3.07 -15.27 -16.18
CA GLY A 308 1.77 -15.25 -15.55
C GLY A 308 0.64 -15.22 -16.56
N PRO A 309 -0.44 -15.91 -16.24
CA PRO A 309 -1.63 -15.88 -17.10
C PRO A 309 -2.39 -14.58 -16.97
N THR A 310 -3.12 -14.24 -18.03
CA THR A 310 -3.99 -13.08 -18.02
C THR A 310 -4.97 -13.10 -16.85
N GLU A 311 -5.39 -14.28 -16.41
CA GLU A 311 -6.36 -14.45 -15.33
C GLU A 311 -5.86 -14.00 -13.96
N THR A 312 -4.60 -13.61 -13.81
CA THR A 312 -4.10 -13.10 -12.54
C THR A 312 -3.35 -11.78 -12.76
N THR A 313 -3.87 -11.00 -13.71
CA THR A 313 -3.44 -9.63 -13.95
C THR A 313 -1.98 -9.54 -14.37
N VAL A 314 -1.75 -9.58 -15.68
CA VAL A 314 -0.49 -9.21 -16.33
C VAL A 314 0.66 -10.16 -16.02
N SER A 315 1.12 -10.18 -14.77
CA SER A 315 2.17 -11.14 -14.38
C SER A 315 1.85 -11.73 -13.00
N ALA A 316 2.46 -12.87 -12.72
CA ALA A 316 2.27 -13.56 -11.45
C ALA A 316 3.59 -13.89 -10.79
N SER A 317 4.65 -14.04 -11.59
CA SER A 317 5.97 -14.26 -11.06
C SER A 317 6.98 -13.50 -11.91
N LEU A 318 8.18 -13.35 -11.36
CA LEU A 318 9.21 -12.58 -12.00
C LEU A 318 10.56 -13.19 -11.63
N GLU A 319 11.53 -13.03 -12.51
CA GLU A 319 12.87 -13.49 -12.19
C GLU A 319 13.93 -12.60 -12.80
N LEU A 320 14.91 -12.25 -11.97
CA LEU A 320 16.13 -11.61 -12.43
C LEU A 320 16.99 -12.69 -13.06
N LEU A 321 17.31 -12.54 -14.33
CA LEU A 321 18.06 -13.55 -15.04
C LEU A 321 19.53 -13.13 -15.09
N GLU A 322 20.40 -14.13 -15.02
CA GLU A 322 21.81 -13.93 -14.73
C GLU A 322 22.64 -14.84 -15.62
N ARG A 323 23.68 -14.28 -16.24
CA ARG A 323 24.52 -15.04 -17.15
C ARG A 323 25.01 -16.33 -16.50
N GLY A 324 24.62 -17.46 -17.09
CA GLY A 324 25.03 -18.75 -16.57
C GLY A 324 24.13 -19.32 -15.51
N LYS A 325 23.07 -18.64 -15.16
CA LYS A 325 22.15 -19.24 -14.22
C LYS A 325 20.91 -19.71 -14.97
N PRO A 326 20.50 -20.95 -14.78
CA PRO A 326 19.40 -21.49 -15.59
C PRO A 326 18.14 -20.66 -15.42
N VAL A 327 17.46 -20.39 -16.54
CA VAL A 327 16.27 -19.57 -16.49
C VAL A 327 15.11 -20.38 -15.92
N THR A 328 14.43 -19.81 -14.93
CA THR A 328 13.20 -20.36 -14.37
C THR A 328 12.15 -19.26 -14.41
N ILE A 329 10.95 -19.57 -13.91
CA ILE A 329 9.90 -18.55 -13.83
C ILE A 329 10.03 -17.64 -12.61
N GLY A 330 11.00 -17.91 -11.74
CA GLY A 330 11.24 -17.02 -10.61
C GLY A 330 10.25 -17.25 -9.47
N LYS A 331 10.19 -16.25 -8.56
CA LYS A 331 9.34 -16.21 -7.39
C LYS A 331 8.08 -15.40 -7.65
N PRO A 332 6.99 -15.75 -6.98
CA PRO A 332 5.75 -14.97 -7.10
C PRO A 332 6.01 -13.50 -6.81
N LEU A 333 5.25 -12.63 -7.48
CA LEU A 333 5.31 -11.22 -7.17
C LEU A 333 4.80 -11.00 -5.73
N PRO A 334 5.17 -9.87 -5.13
CA PRO A 334 4.72 -9.59 -3.77
C PRO A 334 3.21 -9.75 -3.65
N ASN A 335 2.79 -10.53 -2.67
CA ASN A 335 1.40 -10.78 -2.31
C ASN A 335 0.76 -11.80 -3.25
N TYR A 336 1.45 -12.27 -4.28
CA TYR A 336 1.01 -13.41 -5.06
C TYR A 336 1.45 -14.72 -4.38
N GLY A 337 0.76 -15.80 -4.69
CA GLY A 337 1.16 -17.10 -4.18
C GLY A 337 0.87 -18.20 -5.18
N MET A 338 1.69 -19.25 -5.12
CA MET A 338 1.55 -20.41 -5.99
C MET A 338 1.57 -21.70 -5.19
N LEU A 339 0.72 -22.64 -5.56
CA LEU A 339 0.71 -23.97 -4.96
C LEU A 339 0.35 -24.98 -6.05
N VAL A 340 0.46 -26.27 -5.72
CA VAL A 340 0.23 -27.33 -6.69
C VAL A 340 -0.83 -28.29 -6.15
N ILE A 341 -1.79 -28.66 -7.02
CA ILE A 341 -2.88 -29.55 -6.64
C ILE A 341 -2.93 -30.73 -7.61
N ASN A 342 -3.82 -31.67 -7.31
CA ASN A 342 -4.06 -32.84 -8.15
C ASN A 342 -5.48 -32.81 -8.70
N SER A 343 -5.78 -33.78 -9.57
CA SER A 343 -7.06 -33.87 -10.27
C SER A 343 -8.27 -33.63 -9.37
N GLU A 344 -8.18 -34.01 -8.09
CA GLU A 344 -9.29 -33.88 -7.16
C GLU A 344 -9.16 -32.64 -6.27
N ARG A 345 -8.35 -31.67 -6.68
CA ARG A 345 -8.22 -30.41 -5.95
C ARG A 345 -7.66 -30.64 -4.54
N GLU A 346 -6.57 -31.39 -4.46
CA GLU A 346 -5.93 -31.68 -3.18
C GLU A 346 -4.49 -31.18 -3.21
N LEU A 347 -4.07 -30.58 -2.10
CA LEU A 347 -2.74 -30.00 -2.00
C LEU A 347 -1.67 -31.09 -2.03
N LEU A 348 -0.75 -31.00 -2.97
CA LEU A 348 0.30 -31.99 -3.12
C LEU A 348 1.52 -31.63 -2.28
N GLU A 349 2.25 -32.66 -1.84
CA GLU A 349 3.50 -32.46 -1.14
C GLU A 349 4.54 -31.83 -2.05
N GLN A 350 5.58 -31.29 -1.43
CA GLN A 350 6.66 -30.69 -2.19
C GLN A 350 7.38 -31.76 -2.99
N GLY A 351 7.53 -31.51 -4.31
CA GLY A 351 8.18 -32.41 -5.23
C GLY A 351 7.23 -33.20 -6.13
N GLU A 352 6.00 -33.41 -5.70
CA GLU A 352 5.03 -34.06 -6.57
C GLU A 352 4.56 -33.12 -7.68
N THR A 353 4.13 -33.72 -8.79
CA THR A 353 3.79 -32.98 -10.00
C THR A 353 2.27 -32.86 -10.13
N GLY A 354 1.80 -31.64 -10.35
CA GLY A 354 0.37 -31.40 -10.41
C GLY A 354 0.06 -30.13 -11.17
N GLU A 355 -1.18 -29.67 -11.01
CA GLU A 355 -1.59 -28.43 -11.66
C GLU A 355 -1.17 -27.23 -10.80
N LEU A 356 -0.52 -26.27 -11.46
CA LEU A 356 -0.12 -25.03 -10.81
C LEU A 356 -1.33 -24.11 -10.60
N CYS A 357 -1.49 -23.61 -9.38
CA CYS A 357 -2.56 -22.71 -9.03
C CYS A 357 -1.98 -21.44 -8.42
N ILE A 358 -2.65 -20.32 -8.69
CA ILE A 358 -2.22 -19.00 -8.24
C ILE A 358 -3.31 -18.40 -7.36
N PHE A 359 -2.89 -17.68 -6.31
CA PHE A 359 -3.80 -17.01 -5.40
C PHE A 359 -3.21 -15.65 -5.06
N GLY A 360 -4.05 -14.80 -4.43
CA GLY A 360 -3.65 -13.46 -4.07
C GLY A 360 -4.64 -12.41 -4.55
N PRO A 361 -4.39 -11.15 -4.17
CA PRO A 361 -5.34 -10.08 -4.49
C PRO A 361 -5.48 -9.79 -5.98
N SER A 362 -4.66 -10.38 -6.85
CA SER A 362 -4.74 -10.10 -8.28
C SER A 362 -5.34 -11.24 -9.08
N VAL A 363 -5.92 -12.24 -8.42
CA VAL A 363 -6.73 -13.22 -9.14
C VAL A 363 -7.94 -12.51 -9.71
N ALA A 364 -8.18 -12.73 -11.01
CA ALA A 364 -9.27 -12.04 -11.68
C ALA A 364 -10.62 -12.37 -11.03
N GLN A 365 -11.61 -11.57 -11.37
CA GLN A 365 -12.97 -11.83 -10.90
C GLN A 365 -13.54 -13.10 -11.53
N GLY A 366 -13.18 -13.38 -12.78
CA GLY A 366 -13.64 -14.57 -13.48
C GLY A 366 -13.87 -14.27 -14.95
N TYR A 367 -14.60 -15.18 -15.60
CA TYR A 367 -14.89 -15.07 -17.03
C TYR A 367 -16.28 -14.48 -17.21
N LEU A 368 -16.36 -13.39 -17.96
CA LEU A 368 -17.58 -12.60 -18.02
C LEU A 368 -18.76 -13.44 -18.49
N GLY A 369 -19.81 -13.48 -17.68
CA GLY A 369 -21.06 -14.13 -18.03
C GLY A 369 -20.98 -15.63 -18.20
N ARG A 370 -19.94 -16.28 -17.69
CA ARG A 370 -19.76 -17.72 -17.85
C ARG A 370 -19.51 -18.38 -16.49
N PRO A 371 -20.55 -18.49 -15.67
CA PRO A 371 -20.36 -19.04 -14.31
C PRO A 371 -19.86 -20.47 -14.33
N ASP A 372 -20.26 -21.24 -15.34
CA ASP A 372 -19.80 -22.60 -15.53
C ASP A 372 -18.28 -22.67 -15.50
N LEU A 373 -17.66 -22.11 -16.53
CA LEU A 373 -16.21 -22.14 -16.65
C LEU A 373 -15.54 -21.45 -15.47
N THR A 374 -16.04 -20.27 -15.09
CA THR A 374 -15.45 -19.54 -13.97
C THR A 374 -15.35 -20.42 -12.72
N ALA A 375 -16.48 -21.03 -12.32
CA ALA A 375 -16.45 -21.87 -11.13
C ALA A 375 -15.54 -23.07 -11.33
N ASP A 376 -15.42 -23.55 -12.57
CA ASP A 376 -14.51 -24.67 -12.81
C ASP A 376 -13.05 -24.27 -12.67
N LYS A 377 -12.70 -23.01 -12.98
CA LYS A 377 -11.31 -22.59 -13.02
C LYS A 377 -10.88 -21.68 -11.87
N PHE A 378 -11.84 -21.09 -11.15
CA PHE A 378 -11.56 -20.24 -9.98
C PHE A 378 -12.17 -20.93 -8.78
N ILE A 379 -11.36 -21.66 -8.03
CA ILE A 379 -11.85 -22.54 -6.97
C ILE A 379 -11.50 -21.95 -5.60
N GLU A 380 -12.24 -22.39 -4.59
CA GLU A 380 -11.91 -21.96 -3.23
C GLU A 380 -10.55 -22.51 -2.82
N ASN A 381 -9.81 -21.71 -2.05
CA ASN A 381 -8.48 -22.09 -1.61
C ASN A 381 -8.58 -22.63 -0.20
N PRO A 382 -8.63 -23.94 0.00
CA PRO A 382 -8.76 -24.47 1.38
C PRO A 382 -7.67 -23.99 2.31
N TRP A 383 -6.57 -23.46 1.79
CA TRP A 383 -5.38 -23.17 2.59
C TRP A 383 -5.08 -21.68 2.66
N ALA A 384 -6.07 -20.83 2.38
CA ALA A 384 -5.83 -19.40 2.46
C ALA A 384 -5.51 -19.02 3.91
N MET A 385 -4.33 -18.44 4.13
CA MET A 385 -4.00 -17.84 5.41
C MET A 385 -4.48 -16.41 5.52
N SER A 386 -5.39 -15.98 4.64
CA SER A 386 -5.84 -14.61 4.62
C SER A 386 -6.98 -14.49 3.62
N VAL A 387 -7.81 -13.45 3.82
CA VAL A 387 -8.97 -13.22 2.96
C VAL A 387 -8.55 -12.91 1.52
N GLU A 388 -7.34 -12.40 1.31
CA GLU A 388 -6.87 -12.11 -0.04
C GLU A 388 -6.39 -13.35 -0.78
N GLU A 389 -6.43 -14.52 -0.15
CA GLU A 389 -5.88 -15.76 -0.71
C GLU A 389 -6.95 -16.81 -0.94
N GLU A 390 -8.22 -16.45 -0.82
CA GLU A 390 -9.30 -17.43 -0.78
C GLU A 390 -9.67 -17.98 -2.15
N LEU A 391 -9.03 -17.52 -3.23
CA LEU A 391 -9.42 -17.90 -4.59
C LEU A 391 -8.20 -18.38 -5.36
N LEU A 392 -8.17 -19.66 -5.72
CA LEU A 392 -7.13 -20.24 -6.55
C LEU A 392 -7.55 -20.18 -8.02
N TYR A 393 -6.65 -19.71 -8.87
CA TYR A 393 -6.83 -19.86 -10.31
C TYR A 393 -6.01 -21.05 -10.79
N ARG A 394 -6.65 -21.95 -11.53
CA ARG A 394 -6.00 -23.15 -12.04
C ARG A 394 -5.43 -22.86 -13.43
N THR A 395 -4.11 -22.77 -13.52
CA THR A 395 -3.48 -22.38 -14.78
C THR A 395 -3.71 -23.41 -15.88
N GLY A 396 -3.87 -24.67 -15.50
CA GLY A 396 -3.81 -25.75 -16.47
C GLY A 396 -2.40 -26.18 -16.83
N ASP A 397 -1.39 -25.47 -16.32
CA ASP A 397 -0.01 -25.91 -16.46
C ASP A 397 0.34 -26.96 -15.42
N LEU A 398 1.09 -27.96 -15.83
CA LEU A 398 1.68 -28.88 -14.88
C LEU A 398 3.00 -28.33 -14.35
N ALA A 399 3.28 -28.62 -13.10
CA ALA A 399 4.44 -28.03 -12.44
C ALA A 399 4.76 -28.85 -11.21
N LYS A 400 5.97 -28.61 -10.69
CA LYS A 400 6.40 -29.16 -9.42
C LYS A 400 7.21 -28.10 -8.68
N ILE A 401 7.23 -28.21 -7.35
CA ILE A 401 8.08 -27.35 -6.53
C ILE A 401 9.33 -28.16 -6.20
N ASP A 402 10.50 -27.61 -6.53
CA ASP A 402 11.76 -28.32 -6.34
C ASP A 402 12.33 -28.08 -4.93
N GLU A 403 13.39 -28.81 -4.61
CA GLU A 403 13.96 -28.78 -3.27
C GLU A 403 14.51 -27.43 -2.87
N PHE A 404 14.50 -26.45 -3.77
CA PHE A 404 14.94 -25.09 -3.44
C PHE A 404 13.77 -24.13 -3.28
N GLY A 405 12.55 -24.64 -3.17
CA GLY A 405 11.41 -23.74 -3.08
C GLY A 405 11.09 -23.03 -4.38
N GLN A 406 11.54 -23.58 -5.51
CA GLN A 406 11.35 -22.98 -6.82
C GLN A 406 10.36 -23.80 -7.64
N VAL A 407 9.47 -23.10 -8.34
CA VAL A 407 8.45 -23.73 -9.16
C VAL A 407 9.01 -24.01 -10.54
N HIS A 408 8.68 -25.18 -11.08
CA HIS A 408 9.11 -25.59 -12.41
C HIS A 408 7.90 -26.00 -13.24
N CYS A 409 7.72 -25.32 -14.37
CA CYS A 409 6.70 -25.68 -15.33
C CYS A 409 7.11 -26.96 -16.07
N LEU A 410 6.12 -27.74 -16.46
CA LEU A 410 6.37 -28.98 -17.18
C LEU A 410 5.34 -29.19 -18.29
N GLY A 411 4.83 -28.10 -18.86
CA GLY A 411 3.84 -28.19 -19.91
C GLY A 411 2.43 -28.18 -19.38
N ARG A 412 1.50 -28.54 -20.26
CA ARG A 412 0.07 -28.49 -19.97
C ARG A 412 -0.39 -29.81 -19.37
N ALA A 413 -1.59 -29.77 -18.79
CA ALA A 413 -2.17 -30.93 -18.11
C ALA A 413 -2.92 -31.81 -19.11
N THR B 8 -28.73 8.59 35.78
CA THR B 8 -27.67 8.39 34.80
C THR B 8 -28.13 7.43 33.72
N ASN B 9 -27.64 7.63 32.50
CA ASN B 9 -27.84 6.66 31.44
C ASN B 9 -26.50 5.96 31.30
N THR B 10 -26.36 4.84 32.01
CA THR B 10 -25.15 4.04 32.03
C THR B 10 -25.13 2.91 31.00
N LYS B 11 -26.29 2.55 30.44
CA LYS B 11 -26.36 1.47 29.48
C LYS B 11 -25.82 1.87 28.11
N ASN B 12 -26.00 3.12 27.71
CA ASN B 12 -25.60 3.60 26.40
C ASN B 12 -24.34 4.47 26.44
N VAL B 13 -23.63 4.50 27.57
CA VAL B 13 -22.32 5.13 27.68
C VAL B 13 -21.38 4.14 28.35
N ILE B 14 -20.28 3.80 27.69
CA ILE B 14 -19.42 2.70 28.09
C ILE B 14 -18.05 3.27 28.41
N ARG B 15 -17.56 3.03 29.61
CA ARG B 15 -16.28 3.57 30.05
C ARG B 15 -15.28 2.46 30.39
N GLY B 16 -14.01 2.73 30.08
CA GLY B 16 -12.92 1.96 30.62
C GLY B 16 -12.75 2.23 32.10
N LYS B 17 -11.84 1.47 32.73
CA LYS B 17 -11.54 1.68 34.14
C LYS B 17 -11.18 3.12 34.43
N TYR B 18 -11.45 3.52 35.67
CA TYR B 18 -11.21 4.89 36.15
C TYR B 18 -9.81 4.96 36.78
N HIS B 19 -8.94 5.76 36.17
CA HIS B 19 -7.55 5.89 36.61
C HIS B 19 -7.07 7.32 36.38
N PRO B 20 -7.57 8.27 37.18
CA PRO B 20 -7.18 9.67 36.95
C PRO B 20 -5.69 9.91 37.12
N GLU B 21 -4.99 9.06 37.87
CA GLU B 21 -3.55 9.19 38.01
C GLU B 21 -2.79 8.91 36.72
N PHE B 22 -3.46 8.37 35.68
CA PHE B 22 -2.80 8.27 34.38
C PHE B 22 -2.77 9.62 33.68
N LEU B 23 -3.46 10.61 34.22
CA LEU B 23 -3.37 11.99 33.77
C LEU B 23 -2.34 12.64 34.69
N GLN B 24 -1.11 12.74 34.21
CA GLN B 24 -0.04 13.40 34.93
C GLN B 24 0.31 14.67 34.18
N ASN B 25 1.01 15.57 34.82
CA ASN B 25 1.26 16.86 34.20
C ASN B 25 2.57 16.77 33.40
N GLU B 26 2.53 15.93 32.37
CA GLU B 26 3.76 15.44 31.75
C GLU B 26 3.72 15.57 30.24
N VAL B 27 4.92 15.49 29.68
CA VAL B 27 5.17 15.48 28.25
C VAL B 27 6.06 14.28 27.96
N LEU B 28 6.09 13.87 26.69
CA LEU B 28 6.86 12.66 26.33
C LEU B 28 8.29 12.72 26.85
N ALA B 29 8.94 13.87 26.70
CA ALA B 29 10.34 13.98 27.12
C ALA B 29 10.51 13.59 28.58
N ASP B 30 9.54 13.96 29.44
CA ASP B 30 9.59 13.53 30.83
C ASP B 30 9.63 12.02 30.93
N ILE B 31 8.74 11.35 30.18
CA ILE B 31 8.64 9.90 30.23
C ILE B 31 9.95 9.25 29.80
N PHE B 32 10.60 9.79 28.78
CA PHE B 32 11.87 9.19 28.38
C PHE B 32 12.96 9.49 29.40
N ALA B 33 13.06 10.75 29.83
CA ALA B 33 14.09 11.15 30.78
C ALA B 33 14.05 10.31 32.04
N HIS B 34 12.85 9.99 32.54
CA HIS B 34 12.77 9.17 33.74
C HIS B 34 13.47 7.84 33.54
N THR B 35 13.18 7.16 32.42
CA THR B 35 13.79 5.87 32.15
C THR B 35 15.30 6.02 31.96
N ALA B 36 15.71 7.07 31.25
CA ALA B 36 17.13 7.24 30.97
C ALA B 36 17.92 7.48 32.25
N GLN B 37 17.34 8.25 33.18
CA GLN B 37 18.02 8.57 34.42
C GLN B 37 18.04 7.38 35.38
N THR B 38 16.98 6.57 35.39
CA THR B 38 16.95 5.44 36.31
C THR B 38 17.53 4.16 35.72
N LEU B 39 17.71 4.08 34.40
CA LEU B 39 18.24 2.87 33.78
C LEU B 39 19.29 3.18 32.73
N PRO B 40 20.33 3.96 33.09
CA PRO B 40 21.24 4.46 32.06
C PRO B 40 21.94 3.35 31.29
N ASP B 41 22.33 2.29 31.97
CA ASP B 41 23.13 1.23 31.39
C ASP B 41 22.31 0.12 30.77
N LYS B 42 20.98 0.22 30.83
CA LYS B 42 20.12 -0.78 30.18
C LYS B 42 20.11 -0.53 28.67
N THR B 43 20.14 -1.61 27.90
CA THR B 43 20.15 -1.49 26.45
C THR B 43 18.77 -1.06 25.95
N ALA B 44 18.71 0.09 25.26
CA ALA B 44 17.49 0.62 24.69
C ALA B 44 17.22 0.11 23.27
N LEU B 45 18.21 0.22 22.38
CA LEU B 45 18.05 -0.13 20.99
C LEU B 45 19.17 -1.06 20.54
N ILE B 46 18.82 -2.08 19.76
CA ILE B 46 19.82 -2.92 19.10
C ILE B 46 19.43 -3.07 17.64
N GLU B 47 20.36 -2.76 16.74
CA GLU B 47 20.16 -2.90 15.31
C GLU B 47 21.30 -3.75 14.77
N ALA B 48 21.00 -4.98 14.38
CA ALA B 48 22.01 -5.96 14.03
C ALA B 48 23.10 -6.02 15.10
N ASP B 49 24.26 -5.40 14.81
CA ASP B 49 25.40 -5.47 15.72
C ASP B 49 25.51 -4.28 16.65
N LYS B 50 24.86 -3.16 16.34
CA LYS B 50 24.95 -1.99 17.19
C LYS B 50 23.93 -2.07 18.33
N THR B 51 24.38 -1.76 19.54
CA THR B 51 23.52 -1.58 20.69
C THR B 51 23.76 -0.19 21.25
N LEU B 52 22.69 0.43 21.74
CA LEU B 52 22.77 1.73 22.39
C LEU B 52 22.03 1.66 23.72
N SER B 53 22.64 2.18 24.77
CA SER B 53 21.98 2.18 26.07
C SER B 53 21.06 3.40 26.20
N TYR B 54 20.14 3.32 27.15
CA TYR B 54 19.26 4.47 27.37
C TYR B 54 20.07 5.71 27.71
N GLY B 55 21.13 5.55 28.50
CA GLY B 55 21.97 6.70 28.82
C GLY B 55 22.61 7.28 27.58
N GLU B 56 23.22 6.43 26.75
CA GLU B 56 23.87 6.90 25.53
C GLU B 56 22.84 7.47 24.56
N LEU B 57 21.72 6.76 24.36
CA LEU B 57 20.67 7.25 23.48
C LEU B 57 20.21 8.63 23.92
N TYR B 58 20.01 8.81 25.24
CA TYR B 58 19.57 10.08 25.79
C TYR B 58 20.60 11.18 25.56
N GLN B 59 21.87 10.88 25.84
CA GLN B 59 22.91 11.88 25.68
C GLN B 59 23.03 12.34 24.23
N GLN B 60 23.03 11.38 23.30
CA GLN B 60 23.15 11.71 21.87
C GLN B 60 21.92 12.50 21.39
N ALA B 61 20.72 12.02 21.74
CA ALA B 61 19.52 12.75 21.36
C ALA B 61 19.52 14.15 21.95
N LEU B 62 20.09 14.32 23.14
CA LEU B 62 20.18 15.64 23.75
C LEU B 62 21.10 16.55 22.94
N ILE B 63 22.25 16.02 22.50
CA ILE B 63 23.10 16.79 21.60
C ILE B 63 22.33 17.24 20.38
N MET B 64 21.61 16.30 19.76
CA MET B 64 20.85 16.63 18.55
C MET B 64 19.79 17.68 18.83
N ALA B 65 19.12 17.57 19.99
CA ALA B 65 18.10 18.54 20.35
C ALA B 65 18.69 19.93 20.54
N GLN B 66 19.87 20.02 21.15
CA GLN B 66 20.51 21.33 21.29
C GLN B 66 20.88 21.91 19.94
N HIS B 67 21.35 21.06 19.02
CA HIS B 67 21.61 21.56 17.66
C HIS B 67 20.33 22.07 17.02
N LEU B 68 19.22 21.35 17.20
CA LEU B 68 17.93 21.82 16.68
C LEU B 68 17.56 23.17 17.27
N ALA B 69 17.73 23.32 18.58
CA ALA B 69 17.39 24.58 19.25
C ALA B 69 18.23 25.73 18.72
N LEU B 70 19.54 25.50 18.56
CA LEU B 70 20.40 26.52 17.96
C LEU B 70 19.83 26.98 16.62
N LYS B 71 19.29 26.05 15.83
CA LYS B 71 18.76 26.32 14.50
C LYS B 71 17.33 26.87 14.52
N GLY B 72 16.78 27.19 15.69
CA GLY B 72 15.53 27.94 15.77
C GLY B 72 14.32 27.13 16.16
N VAL B 73 14.48 25.85 16.50
CA VAL B 73 13.33 25.01 16.85
C VAL B 73 12.94 25.26 18.30
N LYS B 74 11.65 25.41 18.54
CA LYS B 74 11.08 25.68 19.85
C LYS B 74 9.88 24.77 20.07
N PRO B 75 9.45 24.63 21.32
CA PRO B 75 8.21 23.89 21.59
C PRO B 75 7.07 24.39 20.71
N GLY B 76 6.33 23.44 20.14
CA GLY B 76 5.24 23.74 19.23
C GLY B 76 5.59 23.55 17.77
N HIS B 77 6.85 23.77 17.40
CA HIS B 77 7.23 23.62 16.00
C HIS B 77 7.13 22.16 15.58
N ILE B 78 7.01 21.95 14.27
CA ILE B 78 6.88 20.63 13.68
C ILE B 78 8.08 20.37 12.80
N VAL B 79 8.72 19.21 12.97
CA VAL B 79 9.92 18.85 12.24
C VAL B 79 9.68 17.51 11.56
N GLY B 80 9.98 17.43 10.26
CA GLY B 80 9.77 16.19 9.54
C GLY B 80 10.84 15.17 9.86
N LEU B 81 10.49 13.90 9.68
CA LEU B 81 11.37 12.79 10.03
C LEU B 81 11.31 11.76 8.91
N TRP B 82 12.44 11.55 8.24
CA TRP B 82 12.49 10.61 7.12
C TRP B 82 13.90 10.02 7.08
N LEU B 83 14.05 8.83 7.65
CA LEU B 83 15.31 8.11 7.70
C LEU B 83 15.02 6.64 7.54
N PRO B 84 16.03 5.85 7.15
CA PRO B 84 15.82 4.40 7.05
C PRO B 84 15.56 3.81 8.43
N ARG B 85 14.80 2.72 8.45
CA ARG B 85 14.64 1.94 9.66
C ARG B 85 15.99 1.74 10.33
N GLY B 86 16.03 1.85 11.65
CA GLY B 86 17.25 1.63 12.38
C GLY B 86 17.38 2.57 13.56
N ILE B 87 18.58 2.56 14.16
CA ILE B 87 18.83 3.33 15.38
C ILE B 87 18.76 4.82 15.10
N GLU B 88 19.33 5.28 13.98
CA GLU B 88 19.35 6.72 13.72
C GLU B 88 17.94 7.28 13.59
N LEU B 89 17.01 6.51 13.03
CA LEU B 89 15.63 6.97 12.94
C LEU B 89 15.05 7.25 14.32
N LEU B 90 15.15 6.29 15.24
CA LEU B 90 14.62 6.48 16.58
C LEU B 90 15.37 7.60 17.31
N LYS B 91 16.68 7.67 17.12
CA LYS B 91 17.46 8.73 17.76
C LYS B 91 17.00 10.10 17.28
N ALA B 92 16.69 10.25 16.00
CA ALA B 92 16.26 11.55 15.49
C ALA B 92 14.85 11.89 15.94
N GLN B 93 13.96 10.89 15.96
CA GLN B 93 12.66 11.08 16.58
C GLN B 93 12.84 11.64 17.98
N LEU B 94 13.67 10.97 18.79
CA LEU B 94 13.90 11.40 20.16
C LEU B 94 14.51 12.80 20.19
N ALA B 95 15.40 13.11 19.25
CA ALA B 95 16.02 14.43 19.21
C ALA B 95 14.96 15.50 19.03
N ILE B 96 14.07 15.31 18.05
CA ILE B 96 12.96 16.24 17.86
C ILE B 96 12.16 16.37 19.15
N CYS B 97 11.86 15.23 19.79
CA CYS B 97 11.04 15.26 20.99
C CYS B 97 11.70 16.07 22.12
N LEU B 98 12.98 15.78 22.39
CA LEU B 98 13.70 16.46 23.47
C LEU B 98 13.88 17.95 23.21
N SER B 99 13.79 18.38 21.94
CA SER B 99 13.87 19.80 21.63
C SER B 99 12.58 20.53 21.96
N GLY B 100 11.55 19.80 22.39
CA GLY B 100 10.24 20.36 22.63
C GLY B 100 9.34 20.47 21.42
N ALA B 101 9.83 20.08 20.25
CA ALA B 101 9.01 20.14 19.05
C ALA B 101 8.19 18.86 18.91
N ALA B 102 7.37 18.80 17.86
CA ALA B 102 6.61 17.62 17.50
C ALA B 102 7.12 17.13 16.15
N TRP B 103 7.10 15.81 15.96
CA TRP B 103 7.64 15.26 14.73
C TRP B 103 6.54 14.83 13.76
N LEU B 104 6.85 14.97 12.48
CA LEU B 104 6.04 14.54 11.34
C LEU B 104 6.70 13.31 10.73
N PRO B 105 6.23 12.10 11.03
CA PRO B 105 6.95 10.90 10.57
C PRO B 105 6.64 10.55 9.12
N PHE B 106 7.69 10.15 8.39
CA PHE B 106 7.57 9.72 7.00
C PHE B 106 8.09 8.31 6.82
N ASP B 107 7.29 7.47 6.17
CA ASP B 107 7.68 6.11 5.83
C ASP B 107 8.84 6.07 4.84
N MET B 108 9.62 5.00 4.88
CA MET B 108 10.76 4.87 3.97
C MET B 108 10.35 5.13 2.51
N ASP B 109 9.15 4.68 2.13
CA ASP B 109 8.73 4.69 0.74
C ASP B 109 7.80 5.83 0.40
N THR B 110 7.85 6.92 1.15
CA THR B 110 7.06 8.11 0.84
C THR B 110 7.70 8.85 -0.32
N PRO B 111 6.97 9.15 -1.39
CA PRO B 111 7.54 9.93 -2.48
C PRO B 111 7.90 11.35 -2.05
N ALA B 112 9.01 11.85 -2.60
CA ALA B 112 9.51 13.17 -2.23
C ALA B 112 8.43 14.24 -2.31
N ASP B 113 7.52 14.14 -3.27
CA ASP B 113 6.50 15.17 -3.41
C ASP B 113 5.49 15.11 -2.28
N ARG B 114 5.20 13.91 -1.78
CA ARG B 114 4.32 13.80 -0.61
C ARG B 114 4.97 14.47 0.60
N ILE B 115 6.27 14.28 0.77
CA ILE B 115 7.00 14.94 1.85
C ILE B 115 6.86 16.45 1.72
N ALA B 116 7.13 16.98 0.53
CA ALA B 116 6.99 18.43 0.34
C ALA B 116 5.57 18.89 0.66
N VAL B 117 4.57 18.16 0.16
CA VAL B 117 3.18 18.54 0.36
C VAL B 117 2.82 18.56 1.83
N CYS B 118 3.26 17.54 2.58
CA CYS B 118 2.89 17.44 3.98
C CYS B 118 3.62 18.46 4.83
N LEU B 119 4.91 18.69 4.56
CA LEU B 119 5.61 19.75 5.27
C LEU B 119 4.95 21.10 5.02
N GLU B 120 4.47 21.32 3.78
CA GLU B 120 3.73 22.54 3.46
C GLU B 120 2.45 22.64 4.29
N ASP B 121 1.63 21.59 4.25
CA ASP B 121 0.36 21.60 4.99
C ASP B 121 0.59 21.82 6.48
N ALA B 122 1.57 21.13 7.07
CA ALA B 122 1.86 21.20 8.50
C ALA B 122 2.59 22.47 8.90
N GLU B 123 3.00 23.30 7.94
CA GLU B 123 3.80 24.50 8.24
C GLU B 123 5.05 24.14 9.03
N ALA B 124 5.71 23.07 8.62
CA ALA B 124 6.90 22.61 9.34
C ALA B 124 8.04 23.60 9.17
N VAL B 125 8.92 23.65 10.18
CA VAL B 125 10.11 24.49 10.12
C VAL B 125 11.29 23.78 9.48
N GLY B 126 11.15 22.50 9.14
CA GLY B 126 12.23 21.72 8.59
C GLY B 126 12.02 20.25 8.87
N MET B 127 13.08 19.49 8.65
CA MET B 127 13.00 18.03 8.78
C MET B 127 14.41 17.47 8.92
N ILE B 128 14.48 16.26 9.45
CA ILE B 128 15.73 15.51 9.59
C ILE B 128 15.70 14.32 8.64
N THR B 129 16.82 14.10 7.96
CA THR B 129 17.01 12.97 7.07
C THR B 129 18.48 12.61 7.10
N THR B 130 18.87 11.62 6.29
CA THR B 130 20.28 11.28 6.20
C THR B 130 20.93 12.05 5.05
N ASP B 131 22.26 11.96 4.99
CA ASP B 131 22.98 12.56 3.88
C ASP B 131 22.51 11.98 2.55
N GLU B 132 22.44 10.64 2.49
CA GLU B 132 22.06 9.95 1.26
C GLU B 132 20.71 10.42 0.75
N TRP B 133 19.71 10.46 1.63
CA TRP B 133 18.38 10.84 1.21
C TRP B 133 18.24 12.34 0.99
N TYR B 134 19.21 13.12 1.47
CA TYR B 134 19.22 14.55 1.19
C TYR B 134 19.12 14.81 -0.31
N GLU B 135 19.75 13.93 -1.11
CA GLU B 135 19.75 14.09 -2.56
C GLU B 135 18.33 14.11 -3.11
N HIS B 136 17.51 13.16 -2.67
CA HIS B 136 16.13 13.01 -3.13
C HIS B 136 15.24 14.20 -2.77
N LEU B 137 15.79 15.17 -2.03
CA LEU B 137 14.99 16.25 -1.47
C LEU B 137 15.22 17.58 -2.17
N ALA B 138 15.67 17.56 -3.42
CA ALA B 138 15.88 18.81 -4.15
C ALA B 138 14.60 19.63 -4.20
N GLU B 139 13.49 18.99 -4.54
CA GLU B 139 12.19 19.63 -4.70
C GLU B 139 11.61 20.17 -3.40
N VAL B 140 12.21 19.85 -2.25
CA VAL B 140 11.64 20.20 -0.95
C VAL B 140 12.07 21.60 -0.57
N PRO B 141 11.13 22.55 -0.41
CA PRO B 141 11.53 23.92 -0.02
C PRO B 141 12.10 24.03 1.38
N GLN B 142 11.54 23.32 2.36
CA GLN B 142 11.92 23.55 3.75
C GLN B 142 13.35 23.11 4.04
N THR B 143 13.91 23.66 5.11
CA THR B 143 15.27 23.32 5.53
C THR B 143 15.39 21.83 5.80
N LYS B 144 16.44 21.23 5.26
CA LYS B 144 16.72 19.81 5.45
C LYS B 144 18.00 19.70 6.28
N TRP B 145 17.90 19.02 7.41
CA TRP B 145 19.04 18.75 8.27
C TRP B 145 19.36 17.27 8.19
N THR B 146 20.65 16.95 8.22
CA THR B 146 21.08 15.57 8.30
C THR B 146 21.38 15.22 9.75
N ASN B 147 21.12 13.96 10.11
CA ASN B 147 21.44 13.49 11.45
C ASN B 147 22.90 13.78 11.80
N THR B 148 23.81 13.42 10.91
CA THR B 148 25.23 13.65 11.13
C THR B 148 25.53 15.11 11.45
N GLU B 149 24.91 16.04 10.72
CA GLU B 149 25.13 17.45 11.01
C GLU B 149 24.65 17.80 12.41
N LEU B 150 23.55 17.19 12.85
CA LEU B 150 23.01 17.46 14.17
C LEU B 150 23.74 16.72 15.28
N GLN B 151 24.67 15.81 14.95
CA GLN B 151 25.51 15.19 15.96
C GLN B 151 26.93 15.78 15.99
N LYS B 152 27.07 17.04 15.56
CA LYS B 152 28.34 17.74 15.68
C LYS B 152 28.66 18.04 17.14
N PRO B 153 29.94 18.03 17.52
CA PRO B 153 30.28 18.47 18.88
C PRO B 153 29.84 19.91 19.10
N LEU B 154 29.33 20.18 20.30
CA LEU B 154 28.73 21.47 20.64
C LEU B 154 29.70 22.37 21.39
N SER B 155 29.50 23.67 21.23
CA SER B 155 30.32 24.65 21.93
C SER B 155 29.88 24.81 23.38
N GLU B 156 28.58 24.99 23.60
CA GLU B 156 28.07 25.16 24.96
C GLU B 156 26.69 24.53 25.09
N SER B 157 26.37 24.09 26.29
CA SER B 157 25.05 23.52 26.57
C SER B 157 23.98 24.59 26.44
N VAL B 158 22.86 24.24 25.82
CA VAL B 158 21.86 25.24 25.47
C VAL B 158 20.86 25.43 26.59
N SER B 159 20.45 24.35 27.24
CA SER B 159 19.30 24.41 28.14
C SER B 159 18.07 24.73 27.30
N LEU B 160 17.24 23.71 27.09
CA LEU B 160 16.16 23.73 26.12
C LEU B 160 14.88 24.26 26.73
N ALA B 161 14.06 24.89 25.90
CA ALA B 161 12.73 25.29 26.33
C ALA B 161 11.84 24.05 26.41
N LYS B 162 10.97 24.02 27.41
CA LYS B 162 10.12 22.86 27.66
C LYS B 162 8.79 23.05 26.96
N THR B 163 8.27 21.97 26.41
CA THR B 163 6.92 21.99 25.88
C THR B 163 5.94 21.64 27.01
N THR B 164 4.65 21.76 26.73
CA THR B 164 3.62 21.58 27.73
C THR B 164 2.58 20.59 27.24
N PRO B 165 1.76 20.03 28.14
CA PRO B 165 0.84 18.96 27.74
C PRO B 165 -0.10 19.33 26.61
N ASP B 166 -0.51 20.59 26.52
CA ASP B 166 -1.44 21.02 25.48
C ASP B 166 -0.80 21.15 24.10
N GLN B 167 0.52 21.03 23.99
CA GLN B 167 1.22 21.19 22.73
C GLN B 167 1.20 19.89 21.90
N PRO B 168 1.42 19.97 20.59
CA PRO B 168 1.50 18.76 19.77
C PRO B 168 2.78 17.99 20.05
N ALA B 169 2.64 16.66 20.11
CA ALA B 169 3.76 15.72 20.18
C ALA B 169 4.14 15.19 18.80
N TYR B 170 3.15 14.91 17.96
CA TYR B 170 3.40 14.43 16.62
C TYR B 170 2.14 14.61 15.78
N ILE B 171 2.32 14.73 14.47
CA ILE B 171 1.24 14.84 13.51
C ILE B 171 1.36 13.72 12.49
N ILE B 172 0.27 12.98 12.30
CA ILE B 172 0.22 11.83 11.41
C ILE B 172 -0.52 12.22 10.14
N TYR B 173 0.16 12.17 9.01
CA TYR B 173 -0.48 12.20 7.70
C TYR B 173 -0.64 10.76 7.23
N THR B 174 -1.88 10.33 7.06
CA THR B 174 -2.17 8.94 6.73
C THR B 174 -1.29 8.47 5.57
N SER B 175 -0.47 7.47 5.85
CA SER B 175 0.58 7.04 4.92
C SER B 175 0.00 6.35 3.68
N GLY B 176 0.42 6.83 2.52
CA GLY B 176 -0.15 6.36 1.27
C GLY B 176 -1.34 7.14 0.80
N SER B 177 -1.81 8.11 1.58
CA SER B 177 -2.91 8.95 1.15
C SER B 177 -2.53 9.70 -0.13
N THR B 178 -3.46 9.74 -1.08
CA THR B 178 -3.26 10.46 -2.33
C THR B 178 -4.06 11.75 -2.43
N GLY B 179 -4.99 11.99 -1.51
CA GLY B 179 -5.83 13.17 -1.55
C GLY B 179 -5.26 14.29 -0.69
N LYS B 180 -6.05 15.36 -0.59
CA LYS B 180 -5.75 16.51 0.26
C LYS B 180 -5.15 16.02 1.57
N PRO B 181 -3.97 16.50 1.95
CA PRO B 181 -3.34 16.02 3.19
C PRO B 181 -4.23 16.26 4.39
N LYS B 182 -4.38 15.24 5.23
CA LYS B 182 -5.14 15.32 6.47
C LYS B 182 -4.17 14.98 7.60
N GLY B 183 -3.65 16.02 8.25
CA GLY B 183 -2.73 15.89 9.37
C GLY B 183 -3.43 15.81 10.71
N ILE B 184 -3.21 14.72 11.45
CA ILE B 184 -3.86 14.49 12.74
C ILE B 184 -2.92 14.93 13.86
N VAL B 185 -3.38 15.87 14.66
CA VAL B 185 -2.57 16.48 15.72
C VAL B 185 -2.81 15.74 17.03
N ILE B 186 -1.79 15.04 17.52
CA ILE B 186 -1.82 14.38 18.83
C ILE B 186 -1.03 15.22 19.82
N THR B 187 -1.63 15.56 20.96
CA THR B 187 -0.94 16.36 21.96
C THR B 187 -0.10 15.51 22.91
N GLN B 188 0.82 16.17 23.61
CA GLN B 188 1.59 15.51 24.66
C GLN B 188 0.67 14.81 25.65
N LYS B 189 -0.37 15.51 26.10
CA LYS B 189 -1.34 14.92 27.02
C LYS B 189 -1.96 13.66 26.42
N ASN B 190 -2.44 13.75 25.17
CA ASN B 190 -3.04 12.60 24.50
C ASN B 190 -2.17 11.36 24.61
N ILE B 191 -0.89 11.51 24.22
CA ILE B 191 -0.05 10.33 24.02
C ILE B 191 0.51 9.83 25.34
N CYS B 192 0.85 10.72 26.26
CA CYS B 192 1.28 10.26 27.58
C CYS B 192 0.15 9.49 28.25
N HIS B 193 -1.08 10.02 28.18
CA HIS B 193 -2.20 9.28 28.73
C HIS B 193 -2.33 7.92 28.10
N PHE B 194 -2.34 7.85 26.75
CA PHE B 194 -2.48 6.55 26.11
C PHE B 194 -1.42 5.58 26.61
N LEU B 195 -0.16 5.99 26.58
CA LEU B 195 0.90 5.08 27.00
C LEU B 195 0.59 4.49 28.37
N ARG B 196 0.32 5.34 29.36
CA ARG B 196 0.05 4.79 30.68
C ARG B 196 -1.21 3.91 30.66
N SER B 197 -2.25 4.37 29.97
CA SER B 197 -3.55 3.70 30.02
C SER B 197 -3.46 2.31 29.42
N GLU B 198 -2.89 2.20 28.23
CA GLU B 198 -2.79 0.90 27.58
C GLU B 198 -1.81 0.00 28.30
N ASN B 199 -0.69 0.55 28.80
CA ASN B 199 0.27 -0.38 29.41
C ASN B 199 -0.23 -0.90 30.73
N SER B 200 -1.11 -0.18 31.40
CA SER B 200 -1.67 -0.72 32.63
C SER B 200 -2.31 -2.07 32.39
N ILE B 201 -2.73 -2.34 31.16
CA ILE B 201 -3.35 -3.61 30.79
C ILE B 201 -2.37 -4.52 30.05
N LEU B 202 -1.64 -4.00 29.06
CA LEU B 202 -0.68 -4.84 28.35
C LEU B 202 0.39 -5.38 29.30
N GLY B 203 0.94 -4.53 30.15
CA GLY B 203 1.96 -4.99 31.07
C GLY B 203 3.31 -5.24 30.44
N ILE B 204 3.74 -4.36 29.53
CA ILE B 204 5.12 -4.42 29.06
C ILE B 204 6.02 -4.17 30.24
N GLN B 205 7.07 -4.96 30.35
CA GLN B 205 7.94 -4.86 31.52
C GLN B 205 9.35 -4.46 31.10
N GLU B 206 10.12 -4.05 32.11
CA GLU B 206 11.48 -3.56 31.87
C GLU B 206 12.37 -4.65 31.27
N GLN B 207 12.12 -5.92 31.62
CA GLN B 207 12.96 -7.02 31.15
C GLN B 207 12.54 -7.54 29.78
N ASP B 208 11.43 -7.08 29.22
CA ASP B 208 10.99 -7.54 27.91
C ASP B 208 11.95 -7.11 26.82
N LYS B 209 12.02 -7.91 25.75
CA LYS B 209 12.69 -7.53 24.52
C LYS B 209 11.64 -7.48 23.41
N VAL B 210 11.46 -6.30 22.83
CA VAL B 210 10.30 -6.00 22.00
C VAL B 210 10.74 -5.81 20.56
N TYR B 211 10.06 -6.50 19.65
CA TYR B 211 10.30 -6.34 18.23
C TYR B 211 9.83 -4.96 17.78
N GLN B 212 10.67 -4.25 17.04
CA GLN B 212 10.32 -2.94 16.49
C GLN B 212 10.30 -3.04 14.97
N GLY B 213 9.16 -3.49 14.43
CA GLY B 213 9.04 -3.71 13.01
C GLY B 213 8.12 -2.76 12.25
N PHE B 214 7.50 -1.80 12.94
CA PHE B 214 6.54 -0.94 12.28
C PHE B 214 7.21 0.34 11.81
N SER B 215 6.77 0.84 10.65
CA SER B 215 7.22 2.13 10.17
C SER B 215 6.75 3.22 11.14
N VAL B 216 7.63 4.20 11.38
CA VAL B 216 7.28 5.31 12.25
C VAL B 216 6.03 6.04 11.79
N ALA B 217 5.60 5.81 10.55
CA ALA B 217 4.37 6.42 10.04
C ALA B 217 3.11 5.75 10.58
N PHE B 218 3.22 4.67 11.34
CA PHE B 218 2.06 3.94 11.80
C PHE B 218 1.89 3.99 13.31
N ASP B 219 0.63 4.03 13.73
CA ASP B 219 0.27 4.07 15.15
C ASP B 219 1.00 2.99 15.96
N MET B 220 1.04 1.76 15.45
CA MET B 220 1.56 0.67 16.29
C MET B 220 3.04 0.83 16.59
N SER B 221 3.77 1.61 15.77
CA SER B 221 5.15 1.90 16.12
C SER B 221 5.23 2.52 17.52
N PHE B 222 4.26 3.38 17.86
CA PHE B 222 4.24 3.96 19.20
C PHE B 222 4.12 2.86 20.26
N GLU B 223 3.17 1.94 20.08
CA GLU B 223 3.08 0.84 21.04
C GLU B 223 4.38 0.06 21.07
N GLU B 224 5.06 -0.08 19.93
CA GLU B 224 6.36 -0.76 19.96
C GLU B 224 7.40 0.09 20.68
N ILE B 225 7.43 1.39 20.39
CA ILE B 225 8.60 2.16 20.80
C ILE B 225 8.34 2.75 22.18
N TRP B 226 7.29 3.57 22.30
CA TRP B 226 7.15 4.38 23.49
C TRP B 226 6.69 3.57 24.70
N LEU B 227 5.79 2.60 24.50
CA LEU B 227 5.53 1.69 25.61
C LEU B 227 6.83 1.14 26.15
N SER B 228 7.75 0.80 25.25
CA SER B 228 9.05 0.29 25.70
C SER B 228 9.80 1.38 26.46
N TYR B 229 9.89 2.57 25.88
CA TYR B 229 10.54 3.67 26.58
C TYR B 229 9.90 3.88 27.94
N LEU B 230 8.60 3.60 28.06
CA LEU B 230 7.91 3.87 29.31
C LEU B 230 8.50 3.05 30.45
N VAL B 231 8.88 1.80 30.19
CA VAL B 231 9.31 0.91 31.25
C VAL B 231 10.77 0.52 31.14
N GLY B 232 11.48 0.93 30.10
CA GLY B 232 12.86 0.53 29.93
C GLY B 232 13.08 -0.80 29.26
N ALA B 233 12.14 -1.26 28.43
CA ALA B 233 12.37 -2.49 27.69
C ALA B 233 13.36 -2.22 26.55
N THR B 234 13.86 -3.29 25.96
CA THR B 234 14.83 -3.19 24.87
C THR B 234 14.13 -3.42 23.54
N LEU B 235 14.45 -2.57 22.56
CA LEU B 235 13.89 -2.66 21.21
C LEU B 235 14.88 -3.36 20.28
N TRP B 236 14.41 -4.37 19.55
CA TRP B 236 15.18 -4.99 18.48
C TRP B 236 14.63 -4.45 17.17
N ILE B 237 15.40 -3.59 16.50
CA ILE B 237 14.93 -2.84 15.34
C ILE B 237 15.10 -3.67 14.08
N ALA B 238 13.99 -3.89 13.38
CA ALA B 238 13.98 -4.76 12.20
C ALA B 238 14.52 -4.01 10.98
N PRO B 239 15.38 -4.65 10.19
CA PRO B 239 15.79 -4.06 8.91
C PRO B 239 14.67 -4.16 7.89
N LYS B 240 14.76 -3.33 6.85
CA LYS B 240 13.69 -3.28 5.85
C LYS B 240 13.49 -4.63 5.15
N SER B 241 14.57 -5.41 4.96
CA SER B 241 14.42 -6.67 4.24
C SER B 241 13.56 -7.66 5.01
N LEU B 242 13.63 -7.65 6.34
CA LEU B 242 12.94 -8.64 7.15
C LEU B 242 11.44 -8.35 7.25
N VAL B 243 11.06 -7.07 7.17
CA VAL B 243 9.67 -6.66 7.34
C VAL B 243 8.72 -7.35 6.37
N SER B 244 9.20 -7.81 5.22
CA SER B 244 8.35 -8.42 4.20
C SER B 244 8.58 -9.93 4.08
N ASP B 245 9.26 -10.54 5.05
CA ASP B 245 9.62 -11.95 4.99
C ASP B 245 9.11 -12.65 6.23
N PRO B 246 7.83 -13.04 6.26
CA PRO B 246 7.26 -13.63 7.48
C PRO B 246 7.98 -14.86 8.00
N GLU B 247 8.35 -15.80 7.13
CA GLU B 247 9.04 -16.99 7.60
C GLU B 247 10.37 -16.65 8.25
N ARG B 248 11.13 -15.74 7.62
CA ARG B 248 12.41 -15.33 8.17
C ARG B 248 12.23 -14.57 9.47
N LEU B 249 11.20 -13.72 9.55
CA LEU B 249 10.89 -13.04 10.80
C LEU B 249 10.62 -14.06 11.90
N CYS B 250 9.64 -14.94 11.68
CA CYS B 250 9.34 -16.02 12.61
C CYS B 250 10.61 -16.69 13.13
N GLN B 251 11.58 -16.94 12.25
CA GLN B 251 12.83 -17.52 12.75
C GLN B 251 13.60 -16.54 13.63
N THR B 252 13.65 -15.27 13.21
CA THR B 252 14.44 -14.28 13.92
C THR B 252 13.91 -14.05 15.33
N LEU B 253 12.59 -13.99 15.48
CA LEU B 253 12.00 -13.77 16.80
C LEU B 253 12.46 -14.85 17.76
N LYS B 254 12.53 -16.10 17.29
CA LYS B 254 13.10 -17.17 18.11
C LYS B 254 14.56 -16.90 18.42
N GLN B 255 15.39 -16.82 17.37
CA GLN B 255 16.83 -16.73 17.59
C GLN B 255 17.21 -15.53 18.44
N GLU B 256 16.43 -14.45 18.37
CA GLU B 256 16.77 -13.24 19.08
C GLU B 256 16.14 -13.15 20.46
N GLN B 257 15.36 -14.14 20.88
CA GLN B 257 14.76 -14.13 22.20
C GLN B 257 13.84 -12.93 22.39
N ILE B 258 12.96 -12.72 21.41
CA ILE B 258 11.98 -11.63 21.50
C ILE B 258 10.86 -12.06 22.43
N THR B 259 10.41 -11.16 23.29
CA THR B 259 9.32 -11.46 24.21
C THR B 259 8.03 -10.71 23.91
N VAL B 260 8.05 -9.72 23.01
CA VAL B 260 6.88 -8.88 22.75
C VAL B 260 6.76 -8.63 21.25
N LEU B 261 5.63 -9.02 20.67
CA LEU B 261 5.33 -8.79 19.26
C LEU B 261 4.06 -7.98 19.12
N HIS B 262 4.17 -6.77 18.56
CA HIS B 262 3.04 -6.03 18.04
C HIS B 262 2.94 -6.24 16.54
N ALA B 263 1.76 -6.62 16.05
CA ALA B 263 1.63 -6.95 14.64
C ALA B 263 0.16 -6.91 14.25
N VAL B 264 -0.09 -7.02 12.94
CA VAL B 264 -1.44 -7.18 12.43
C VAL B 264 -1.68 -8.68 12.26
N PRO B 265 -2.92 -9.15 12.29
CA PRO B 265 -3.15 -10.60 12.27
C PRO B 265 -2.63 -11.32 11.02
N THR B 266 -2.63 -10.69 9.84
CA THR B 266 -2.16 -11.42 8.65
C THR B 266 -0.68 -11.78 8.76
N LEU B 267 0.12 -10.87 9.33
CA LEU B 267 1.52 -11.18 9.54
C LEU B 267 1.68 -12.41 10.43
N LEU B 268 0.92 -12.46 11.52
CA LEU B 268 1.02 -13.59 12.42
C LEU B 268 0.53 -14.86 11.74
N ALA B 269 -0.52 -14.73 10.94
CA ALA B 269 -1.06 -15.87 10.22
C ALA B 269 -0.03 -16.47 9.29
N LEU B 270 0.95 -15.69 8.86
CA LEU B 270 1.98 -16.23 7.98
C LEU B 270 3.20 -16.79 8.74
N PHE B 271 3.13 -16.99 10.06
CA PHE B 271 4.23 -17.63 10.78
C PHE B 271 4.12 -19.14 10.66
N PRO B 272 5.14 -19.83 10.11
CA PRO B 272 5.02 -21.29 9.95
C PRO B 272 4.90 -22.05 11.26
N GLU B 273 5.59 -21.63 12.32
CA GLU B 273 5.55 -22.34 13.58
C GLU B 273 5.37 -21.36 14.73
N ASP B 274 5.17 -21.89 15.92
CA ASP B 274 5.05 -21.08 17.11
C ASP B 274 6.38 -20.38 17.43
N VAL B 275 6.26 -19.26 18.13
CA VAL B 275 7.43 -18.58 18.71
C VAL B 275 7.25 -18.67 20.22
N PRO B 276 7.76 -19.71 20.87
CA PRO B 276 7.38 -19.97 22.27
C PRO B 276 7.72 -18.83 23.23
N ASN B 277 8.88 -18.20 23.05
CA ASN B 277 9.35 -17.13 23.93
C ASN B 277 8.49 -15.88 23.90
N LEU B 278 7.41 -15.80 23.11
CA LEU B 278 6.63 -14.56 23.03
C LEU B 278 5.75 -14.45 24.26
N ARG B 279 6.06 -13.49 25.12
CA ARG B 279 5.24 -13.23 26.30
C ARG B 279 3.92 -12.59 25.91
N ILE B 280 3.97 -11.49 25.17
CA ILE B 280 2.80 -10.71 24.80
C ILE B 280 2.72 -10.66 23.28
N ILE B 281 1.51 -10.84 22.75
CA ILE B 281 1.24 -10.64 21.33
C ILE B 281 0.08 -9.65 21.22
N ASN B 282 0.35 -8.48 20.63
CA ASN B 282 -0.63 -7.42 20.52
C ASN B 282 -0.95 -7.23 19.04
N LEU B 283 -2.13 -7.66 18.65
CA LEU B 283 -2.61 -7.56 17.26
C LEU B 283 -3.57 -6.39 17.14
N GLY B 284 -3.26 -5.44 16.26
CA GLY B 284 -4.12 -4.31 16.01
C GLY B 284 -4.39 -4.15 14.52
N GLY B 285 -5.30 -3.23 14.21
CA GLY B 285 -5.60 -2.87 12.83
C GLY B 285 -6.77 -3.62 12.23
N GLU B 286 -6.85 -4.92 12.50
CA GLU B 286 -7.94 -5.76 12.03
C GLU B 286 -8.39 -6.69 13.13
N MET B 287 -9.68 -7.02 13.12
CA MET B 287 -10.18 -8.02 14.05
C MET B 287 -9.55 -9.38 13.77
N CYS B 288 -9.13 -10.06 14.82
CA CYS B 288 -8.46 -11.34 14.66
C CYS B 288 -9.48 -12.40 14.23
N PRO B 289 -9.19 -13.18 13.19
CA PRO B 289 -10.06 -14.31 12.86
C PRO B 289 -9.96 -15.40 13.92
N ASP B 290 -11.01 -16.23 13.98
CA ASP B 290 -11.08 -17.28 15.00
C ASP B 290 -9.97 -18.31 14.83
N SER B 291 -9.64 -18.68 13.59
CA SER B 291 -8.61 -19.68 13.37
C SER B 291 -7.26 -19.26 13.93
N LEU B 292 -6.92 -17.97 13.80
CA LEU B 292 -5.65 -17.50 14.33
C LEU B 292 -5.64 -17.54 15.85
N VAL B 293 -6.77 -17.18 16.48
CA VAL B 293 -6.90 -17.30 17.92
C VAL B 293 -6.70 -18.75 18.33
N ASP B 294 -7.35 -19.67 17.62
CA ASP B 294 -7.18 -21.10 17.89
C ASP B 294 -5.70 -21.50 17.85
N ARG B 295 -4.97 -21.01 16.86
CA ARG B 295 -3.58 -21.45 16.73
C ARG B 295 -2.65 -20.81 17.76
N TRP B 296 -2.91 -19.56 18.17
CA TRP B 296 -1.95 -18.82 18.97
C TRP B 296 -2.38 -18.54 20.40
N ALA B 297 -3.67 -18.59 20.71
CA ALA B 297 -4.12 -18.34 22.07
C ALA B 297 -3.73 -19.48 22.99
N LEU B 298 -2.42 -19.67 23.18
CA LEU B 298 -1.86 -20.76 23.97
C LEU B 298 -1.61 -20.32 25.41
N PRO B 299 -1.34 -21.29 26.30
CA PRO B 299 -1.15 -20.95 27.72
C PRO B 299 0.02 -20.02 27.98
N HIS B 300 1.12 -20.19 27.24
CA HIS B 300 2.31 -19.36 27.37
C HIS B 300 2.24 -18.08 26.54
N HIS B 301 1.08 -17.76 26.00
CA HIS B 301 0.89 -16.54 25.22
C HIS B 301 -0.23 -15.71 25.79
N GLN B 302 0.04 -14.43 26.06
CA GLN B 302 -1.01 -13.43 26.27
C GLN B 302 -1.27 -12.74 24.93
N MET B 303 -2.43 -13.00 24.35
CA MET B 303 -2.75 -12.55 23.00
C MET B 303 -3.83 -11.48 23.08
N PHE B 304 -3.54 -10.31 22.53
CA PHE B 304 -4.43 -9.16 22.64
C PHE B 304 -4.83 -8.67 21.25
N ASN B 305 -5.98 -7.99 21.21
CA ASN B 305 -6.52 -7.40 19.99
C ASN B 305 -6.89 -5.96 20.30
N THR B 306 -6.15 -5.00 19.74
CA THR B 306 -6.39 -3.59 20.01
C THR B 306 -7.04 -2.93 18.80
N TYR B 307 -7.97 -2.02 19.07
CA TYR B 307 -8.71 -1.30 18.05
C TYR B 307 -8.76 0.18 18.40
N GLY B 308 -8.77 1.02 17.36
CA GLY B 308 -8.91 2.45 17.53
C GLY B 308 -8.39 3.28 16.38
N PRO B 309 -9.06 4.39 16.10
CA PRO B 309 -8.59 5.30 15.06
C PRO B 309 -7.39 6.11 15.52
N THR B 310 -6.59 6.54 14.54
CA THR B 310 -5.49 7.44 14.85
C THR B 310 -5.97 8.69 15.59
N GLU B 311 -7.20 9.13 15.30
CA GLU B 311 -7.75 10.35 15.88
C GLU B 311 -7.99 10.27 17.38
N THR B 312 -7.79 9.12 18.00
CA THR B 312 -7.92 9.00 19.45
C THR B 312 -6.71 8.27 20.03
N THR B 313 -5.54 8.54 19.46
CA THR B 313 -4.24 8.09 19.95
C THR B 313 -4.11 6.57 19.97
N VAL B 314 -3.63 6.02 18.86
CA VAL B 314 -3.09 4.67 18.77
C VAL B 314 -4.15 3.59 18.98
N SER B 315 -4.70 3.49 20.18
CA SER B 315 -5.79 2.55 20.44
C SER B 315 -6.84 3.21 21.32
N ALA B 316 -8.05 2.64 21.27
CA ALA B 316 -9.17 3.15 22.06
C ALA B 316 -9.81 2.02 22.87
N SER B 317 -9.75 0.79 22.36
CA SER B 317 -10.21 -0.36 23.13
C SER B 317 -9.30 -1.53 22.84
N LEU B 318 -9.36 -2.54 23.72
CA LEU B 318 -8.52 -3.72 23.57
C LEU B 318 -9.23 -4.91 24.21
N GLU B 319 -8.89 -6.11 23.74
CA GLU B 319 -9.51 -7.31 24.28
C GLU B 319 -8.51 -8.45 24.33
N LEU B 320 -8.50 -9.13 25.48
CA LEU B 320 -7.76 -10.38 25.62
C LEU B 320 -8.58 -11.48 24.94
N LEU B 321 -7.99 -12.12 23.94
CA LEU B 321 -8.68 -13.12 23.14
C LEU B 321 -8.32 -14.51 23.61
N GLU B 322 -9.28 -15.42 23.52
CA GLU B 322 -9.22 -16.69 24.24
C GLU B 322 -9.65 -17.80 23.31
N ARG B 323 -8.88 -18.88 23.30
CA ARG B 323 -9.14 -20.00 22.41
C ARG B 323 -10.59 -20.42 22.58
N GLY B 324 -11.40 -20.22 21.53
CA GLY B 324 -12.81 -20.55 21.58
C GLY B 324 -13.75 -19.45 22.04
N LYS B 325 -13.26 -18.24 22.33
CA LYS B 325 -14.14 -17.14 22.68
C LYS B 325 -14.28 -16.13 21.55
N PRO B 326 -15.51 -15.76 21.18
CA PRO B 326 -15.71 -14.91 20.00
C PRO B 326 -15.01 -13.56 20.14
N VAL B 327 -14.39 -13.11 19.05
CA VAL B 327 -13.65 -11.86 19.05
C VAL B 327 -14.62 -10.69 18.95
N THR B 328 -14.44 -9.70 19.82
CA THR B 328 -15.13 -8.41 19.75
C THR B 328 -14.05 -7.33 19.80
N ILE B 329 -14.47 -6.06 19.82
CA ILE B 329 -13.49 -4.98 19.96
C ILE B 329 -13.06 -4.78 21.40
N GLY B 330 -13.61 -5.53 22.35
CA GLY B 330 -13.16 -5.46 23.73
C GLY B 330 -13.74 -4.29 24.51
N LYS B 331 -13.09 -4.02 25.64
CA LYS B 331 -13.51 -2.93 26.50
C LYS B 331 -12.69 -1.68 26.23
N PRO B 332 -13.27 -0.49 26.40
CA PRO B 332 -12.48 0.73 26.28
C PRO B 332 -11.27 0.73 27.20
N LEU B 333 -10.20 1.37 26.74
CA LEU B 333 -9.02 1.55 27.56
C LEU B 333 -9.34 2.44 28.76
N PRO B 334 -8.57 2.32 29.84
CA PRO B 334 -8.86 3.14 31.03
C PRO B 334 -8.96 4.61 30.67
N ASN B 335 -10.08 5.22 31.07
CA ASN B 335 -10.38 6.64 30.88
C ASN B 335 -10.89 6.93 29.46
N TYR B 336 -10.95 5.93 28.58
CA TYR B 336 -11.63 6.07 27.31
C TYR B 336 -13.13 5.79 27.51
N GLY B 337 -13.93 6.29 26.58
CA GLY B 337 -15.35 6.00 26.59
C GLY B 337 -15.93 5.93 25.20
N MET B 338 -16.97 5.12 25.04
CA MET B 338 -17.65 4.98 23.76
C MET B 338 -19.15 5.13 23.93
N LEU B 339 -19.76 5.81 22.96
CA LEU B 339 -21.21 5.98 22.92
C LEU B 339 -21.66 5.92 21.47
N VAL B 340 -22.98 5.86 21.25
CA VAL B 340 -23.53 5.72 19.92
C VAL B 340 -24.53 6.85 19.67
N ILE B 341 -24.46 7.46 18.49
CA ILE B 341 -25.34 8.56 18.13
C ILE B 341 -26.05 8.25 16.81
N ASN B 342 -26.98 9.12 16.43
CA ASN B 342 -27.66 9.00 15.15
C ASN B 342 -27.27 10.16 14.24
N SER B 343 -27.72 10.08 12.99
CA SER B 343 -27.41 11.06 11.96
C SER B 343 -27.51 12.50 12.47
N GLU B 344 -28.38 12.74 13.44
CA GLU B 344 -28.66 14.08 13.94
C GLU B 344 -27.90 14.41 15.23
N ARG B 345 -26.81 13.69 15.52
CA ARG B 345 -25.99 13.95 16.70
C ARG B 345 -26.81 13.80 17.98
N GLU B 346 -27.55 12.69 18.07
CA GLU B 346 -28.37 12.42 19.24
C GLU B 346 -27.99 11.09 19.87
N LEU B 347 -27.96 11.07 21.20
CA LEU B 347 -27.57 9.88 21.95
C LEU B 347 -28.60 8.78 21.77
N LEU B 348 -28.15 7.62 21.33
CA LEU B 348 -29.05 6.50 21.07
C LEU B 348 -29.27 5.68 22.34
N GLU B 349 -30.45 5.07 22.43
CA GLU B 349 -30.72 4.12 23.51
C GLU B 349 -29.83 2.88 23.35
N GLN B 350 -29.72 2.11 24.42
CA GLN B 350 -28.94 0.89 24.38
C GLN B 350 -29.58 -0.12 23.45
N GLY B 351 -28.79 -0.64 22.51
CA GLY B 351 -29.24 -1.63 21.56
C GLY B 351 -29.52 -1.07 20.19
N GLU B 352 -29.89 0.20 20.10
CA GLU B 352 -30.08 0.83 18.81
C GLU B 352 -28.74 1.04 18.12
N THR B 353 -28.78 1.06 16.79
CA THR B 353 -27.57 1.04 15.98
C THR B 353 -27.29 2.44 15.45
N GLY B 354 -26.05 2.91 15.63
CA GLY B 354 -25.70 4.25 15.25
C GLY B 354 -24.21 4.39 15.04
N GLU B 355 -23.75 5.63 14.99
CA GLU B 355 -22.33 5.91 14.80
C GLU B 355 -21.60 5.79 16.13
N LEU B 356 -20.51 5.03 16.13
CA LEU B 356 -19.67 4.87 17.30
C LEU B 356 -18.82 6.13 17.49
N CYS B 357 -18.82 6.66 18.70
CA CYS B 357 -18.03 7.83 19.07
C CYS B 357 -17.17 7.51 20.28
N ILE B 358 -15.99 8.12 20.31
CA ILE B 358 -15.00 7.91 21.36
C ILE B 358 -14.76 9.24 22.05
N PHE B 359 -14.61 9.18 23.37
CA PHE B 359 -14.31 10.35 24.18
C PHE B 359 -13.28 9.99 25.23
N GLY B 360 -12.72 11.01 25.87
CA GLY B 360 -11.70 10.83 26.87
C GLY B 360 -10.48 11.69 26.62
N PRO B 361 -9.54 11.67 27.56
CA PRO B 361 -8.37 12.56 27.47
C PRO B 361 -7.44 12.27 26.28
N SER B 362 -7.66 11.20 25.51
CA SER B 362 -6.78 10.89 24.39
C SER B 362 -7.42 11.15 23.03
N VAL B 363 -8.58 11.81 23.00
CA VAL B 363 -9.12 12.30 21.73
C VAL B 363 -8.19 13.37 21.18
N ALA B 364 -7.86 13.25 19.89
CA ALA B 364 -6.93 14.16 19.27
C ALA B 364 -7.45 15.61 19.33
N GLN B 365 -6.54 16.55 19.07
CA GLN B 365 -6.91 17.96 18.99
C GLN B 365 -7.76 18.24 17.75
N GLY B 366 -7.49 17.54 16.65
CA GLY B 366 -8.24 17.71 15.43
C GLY B 366 -7.32 17.58 14.23
N TYR B 367 -7.80 18.08 13.09
CA TYR B 367 -7.08 18.00 11.83
C TYR B 367 -6.36 19.32 11.57
N LEU B 368 -5.05 19.25 11.34
CA LEU B 368 -4.23 20.45 11.28
C LEU B 368 -4.68 21.39 10.16
N GLY B 369 -4.94 22.64 10.52
CA GLY B 369 -5.23 23.68 9.55
C GLY B 369 -6.50 23.48 8.76
N ARG B 370 -7.40 22.61 9.20
CA ARG B 370 -8.64 22.32 8.50
C ARG B 370 -9.80 22.44 9.49
N PRO B 371 -10.14 23.66 9.89
CA PRO B 371 -11.17 23.82 10.93
C PRO B 371 -12.54 23.32 10.52
N ASP B 372 -12.89 23.42 9.24
CA ASP B 372 -14.14 22.84 8.73
C ASP B 372 -14.24 21.35 9.06
N LEU B 373 -13.36 20.55 8.49
CA LEU B 373 -13.38 19.10 8.74
C LEU B 373 -13.28 18.80 10.22
N THR B 374 -12.35 19.46 10.91
CA THR B 374 -12.21 19.25 12.35
C THR B 374 -13.54 19.42 13.05
N ALA B 375 -14.20 20.57 12.83
CA ALA B 375 -15.46 20.85 13.50
C ALA B 375 -16.53 19.85 13.07
N ASP B 376 -16.44 19.33 11.85
CA ASP B 376 -17.41 18.34 11.42
C ASP B 376 -17.23 17.01 12.15
N LYS B 377 -15.99 16.64 12.48
CA LYS B 377 -15.73 15.31 13.04
C LYS B 377 -15.35 15.30 14.52
N PHE B 378 -14.99 16.44 15.11
CA PHE B 378 -14.70 16.53 16.54
C PHE B 378 -15.76 17.44 17.17
N ILE B 379 -16.82 16.82 17.70
CA ILE B 379 -17.99 17.58 18.15
C ILE B 379 -18.06 17.52 19.66
N GLU B 380 -18.67 18.56 20.26
CA GLU B 380 -18.78 18.60 21.71
C GLU B 380 -19.71 17.52 22.23
N ASN B 381 -19.35 16.98 23.40
CA ASN B 381 -20.06 15.89 24.07
C ASN B 381 -20.98 16.42 25.16
N PRO B 382 -22.27 16.64 24.84
CA PRO B 382 -23.20 17.13 25.87
C PRO B 382 -23.29 16.23 27.09
N TRP B 383 -22.78 15.00 27.02
CA TRP B 383 -22.99 13.99 28.05
C TRP B 383 -21.72 13.72 28.86
N ALA B 384 -20.75 14.63 28.79
CA ALA B 384 -19.49 14.45 29.51
C ALA B 384 -19.73 14.54 31.03
N MET B 385 -19.36 13.49 31.75
CA MET B 385 -19.29 13.49 33.19
C MET B 385 -17.98 14.04 33.72
N SER B 386 -17.22 14.77 32.90
CA SER B 386 -15.92 15.26 33.30
C SER B 386 -15.36 16.20 32.23
N VAL B 387 -14.41 17.04 32.65
CA VAL B 387 -13.76 17.95 31.74
C VAL B 387 -12.96 17.20 30.67
N GLU B 388 -12.56 15.98 30.96
CA GLU B 388 -11.79 15.17 30.02
C GLU B 388 -12.66 14.48 28.97
N GLU B 389 -13.98 14.66 29.01
CA GLU B 389 -14.90 13.92 28.15
C GLU B 389 -15.70 14.82 27.22
N GLU B 390 -15.36 16.10 27.13
CA GLU B 390 -16.20 17.08 26.47
C GLU B 390 -16.11 17.04 24.95
N LEU B 391 -15.29 16.15 24.38
CA LEU B 391 -15.06 16.11 22.93
C LEU B 391 -15.22 14.68 22.42
N LEU B 392 -16.24 14.47 21.59
CA LEU B 392 -16.49 13.21 20.92
C LEU B 392 -15.85 13.21 19.54
N TYR B 393 -15.15 12.12 19.21
CA TYR B 393 -14.71 11.85 17.86
C TYR B 393 -15.68 10.89 17.21
N ARG B 394 -16.17 11.25 16.03
CA ARG B 394 -17.11 10.43 15.28
C ARG B 394 -16.32 9.53 14.33
N THR B 395 -16.28 8.23 14.65
CA THR B 395 -15.45 7.28 13.91
C THR B 395 -15.93 7.08 12.48
N GLY B 396 -17.23 7.21 12.24
CA GLY B 396 -17.80 6.77 10.98
C GLY B 396 -18.12 5.30 10.93
N ASP B 397 -17.77 4.53 11.97
CA ASP B 397 -18.21 3.15 12.08
C ASP B 397 -19.62 3.12 12.65
N LEU B 398 -20.43 2.20 12.10
CA LEU B 398 -21.72 1.88 12.67
C LEU B 398 -21.54 0.77 13.71
N ALA B 399 -22.35 0.81 14.76
CA ALA B 399 -22.18 -0.10 15.88
C ALA B 399 -23.44 -0.09 16.73
N LYS B 400 -23.52 -1.07 17.63
CA LYS B 400 -24.54 -1.08 18.66
C LYS B 400 -23.93 -1.55 19.97
N ILE B 401 -24.51 -1.09 21.07
CA ILE B 401 -24.10 -1.49 22.41
C ILE B 401 -25.12 -2.52 22.91
N ASP B 402 -24.62 -3.66 23.38
CA ASP B 402 -25.53 -4.68 23.89
C ASP B 402 -25.76 -4.46 25.39
N GLU B 403 -26.75 -5.18 25.92
CA GLU B 403 -27.20 -5.00 27.31
C GLU B 403 -26.15 -5.40 28.33
N PHE B 404 -25.01 -5.95 27.91
CA PHE B 404 -23.94 -6.33 28.83
C PHE B 404 -22.75 -5.37 28.76
N GLY B 405 -22.95 -4.18 28.21
CA GLY B 405 -21.89 -3.20 28.11
C GLY B 405 -20.81 -3.48 27.08
N GLN B 406 -21.11 -4.27 26.05
CA GLN B 406 -20.12 -4.59 25.03
C GLN B 406 -20.50 -3.93 23.70
N VAL B 407 -19.52 -3.34 23.03
CA VAL B 407 -19.72 -2.67 21.75
C VAL B 407 -19.54 -3.68 20.63
N HIS B 408 -20.41 -3.61 19.61
CA HIS B 408 -20.33 -4.48 18.45
C HIS B 408 -20.33 -3.61 17.20
N CYS B 409 -19.28 -3.74 16.39
CA CYS B 409 -19.15 -3.01 15.13
C CYS B 409 -20.09 -3.58 14.06
N LEU B 410 -20.52 -2.71 13.14
CA LEU B 410 -21.41 -3.12 12.06
C LEU B 410 -21.08 -2.45 10.73
N GLY B 411 -19.81 -2.13 10.49
CA GLY B 411 -19.44 -1.52 9.22
C GLY B 411 -19.47 -0.01 9.20
N ARG B 412 -19.46 0.52 7.98
CA ARG B 412 -19.35 1.95 7.73
C ARG B 412 -20.73 2.62 7.74
N ALA B 413 -20.70 3.95 7.82
CA ALA B 413 -21.92 4.74 7.93
C ALA B 413 -22.48 5.10 6.56
#